data_6EZ3
#
_entry.id   6EZ3
#
_cell.length_a   46.381
_cell.length_b   81.835
_cell.length_c   384.026
_cell.angle_alpha   90.00
_cell.angle_beta   90.00
_cell.angle_gamma   90.00
#
_symmetry.space_group_name_H-M   'P 21 21 21'
#
loop_
_entity.id
_entity.type
_entity.pdbx_description
1 polymer 'Cyclo(L-leucyl-L-leucyl) synthase'
2 non-polymer 'SULFATE ION'
3 water water
#
_entity_poly.entity_id   1
_entity_poly.type   'polypeptide(L)'
_entity_poly.pdbx_seq_one_letter_code
;MQNFKVDFLTKNCKQIYQRKKHVILGISPFTSKYNESYIRKIIQWANSNFDDFSILLAGEESKNLLECLGYSSSKANQKV
RKEIKRQIRFCEDEIIKCNKTITNRIHRFSDFKNNIYYIDIYKTIVDQFNTDSNFKNSCLKMSLQALQSKGKNVNTSIEI
TDETLEYAAQYVLAELPFFLNANPIINTQETLMAYHAPWELGTNIINDQFNLKMNEKQGYIILTEKGDNYVKSV
;
_entity_poly.pdbx_strand_id   A,B,C,D,E,F
#
# COMPACT_ATOMS: atom_id res chain seq x y z
N GLN A 2 -7.72 -14.00 -30.10
CA GLN A 2 -7.26 -15.41 -30.01
C GLN A 2 -5.96 -15.47 -29.20
N ASN A 3 -5.07 -14.53 -29.52
CA ASN A 3 -3.77 -14.34 -28.92
C ASN A 3 -3.75 -12.95 -28.24
N PHE A 4 -4.97 -12.32 -28.14
CA PHE A 4 -5.25 -11.00 -27.56
C PHE A 4 -6.40 -10.98 -26.59
N LYS A 5 -6.16 -10.38 -25.41
CA LYS A 5 -7.19 -10.15 -24.40
C LYS A 5 -7.85 -8.81 -24.76
N VAL A 6 -9.18 -8.84 -25.00
CA VAL A 6 -9.91 -7.64 -25.42
C VAL A 6 -10.72 -7.03 -24.28
N ASP A 7 -10.54 -5.71 -24.02
CA ASP A 7 -11.28 -4.95 -23.00
C ASP A 7 -12.18 -3.93 -23.70
N PHE A 8 -13.23 -3.49 -23.04
CA PHE A 8 -14.21 -2.58 -23.65
C PHE A 8 -14.42 -1.29 -22.88
N LEU A 9 -14.62 -0.19 -23.63
CA LEU A 9 -14.88 1.12 -23.05
C LEU A 9 -16.31 1.16 -22.51
N THR A 10 -17.27 0.55 -23.25
CA THR A 10 -18.68 0.47 -22.86
C THR A 10 -19.23 -0.93 -23.11
N LYS A 11 -20.47 -1.20 -22.61
CA LYS A 11 -21.18 -2.47 -22.86
C LYS A 11 -21.54 -2.54 -24.35
N ASN A 12 -21.90 -1.39 -24.94
CA ASN A 12 -22.25 -1.25 -26.35
C ASN A 12 -21.07 -1.65 -27.25
N CYS A 13 -19.83 -1.36 -26.81
CA CYS A 13 -18.60 -1.75 -27.50
C CYS A 13 -18.51 -3.30 -27.59
N LYS A 14 -18.89 -4.00 -26.50
CA LYS A 14 -18.91 -5.47 -26.45
C LYS A 14 -19.94 -6.01 -27.41
N GLN A 15 -21.14 -5.36 -27.47
CA GLN A 15 -22.22 -5.71 -28.41
C GLN A 15 -21.73 -5.58 -29.85
N ILE A 16 -21.06 -4.45 -30.19
CA ILE A 16 -20.52 -4.21 -31.54
C ILE A 16 -19.47 -5.28 -31.84
N TYR A 17 -18.54 -5.50 -30.87
CA TYR A 17 -17.45 -6.48 -30.97
C TYR A 17 -18.00 -7.83 -31.34
N GLN A 18 -19.04 -8.32 -30.59
CA GLN A 18 -19.73 -9.58 -30.81
C GLN A 18 -20.09 -9.79 -32.29
N ARG A 19 -20.69 -8.76 -32.93
CA ARG A 19 -21.12 -8.76 -34.32
C ARG A 19 -19.97 -8.99 -35.37
N LYS A 20 -18.72 -8.65 -35.03
CA LYS A 20 -17.47 -8.73 -35.82
C LYS A 20 -17.56 -8.14 -37.26
N LYS A 21 -18.30 -7.01 -37.43
CA LYS A 21 -18.44 -6.41 -38.75
C LYS A 21 -17.18 -5.74 -39.27
N HIS A 22 -16.55 -4.83 -38.49
CA HIS A 22 -15.34 -4.12 -38.90
C HIS A 22 -14.54 -3.59 -37.69
N VAL A 23 -13.20 -3.55 -37.82
CA VAL A 23 -12.28 -3.01 -36.83
C VAL A 23 -11.30 -2.03 -37.50
N ILE A 24 -10.88 -0.99 -36.76
CA ILE A 24 -9.89 -0.02 -37.18
C ILE A 24 -8.72 -0.32 -36.29
N LEU A 25 -7.59 -0.69 -36.90
CA LEU A 25 -6.38 -0.92 -36.12
C LEU A 25 -5.62 0.41 -36.11
N GLY A 26 -5.50 1.00 -34.95
CA GLY A 26 -4.76 2.23 -34.77
C GLY A 26 -3.30 1.89 -34.54
N ILE A 27 -2.43 2.28 -35.50
CA ILE A 27 -0.98 2.15 -35.39
C ILE A 27 -0.36 3.54 -35.11
N SER A 28 0.52 3.63 -34.12
CA SER A 28 1.11 4.86 -33.62
C SER A 28 2.55 5.11 -34.08
N PRO A 29 2.90 6.39 -34.37
CA PRO A 29 4.28 6.65 -34.84
C PRO A 29 5.29 6.79 -33.70
N PHE A 30 6.54 6.41 -33.98
CA PHE A 30 7.69 6.54 -33.10
C PHE A 30 7.54 5.81 -31.77
N THR A 31 6.55 4.92 -31.64
CA THR A 31 6.34 4.15 -30.41
C THR A 31 7.00 2.78 -30.49
N SER A 32 7.50 2.35 -29.35
CA SER A 32 8.18 1.07 -29.16
C SER A 32 7.28 -0.13 -29.47
N LYS A 33 5.98 -0.07 -29.05
CA LYS A 33 5.02 -1.15 -29.25
C LYS A 33 4.73 -1.45 -30.71
N TYR A 34 4.41 -0.44 -31.50
CA TYR A 34 4.05 -0.59 -32.92
C TYR A 34 5.28 -0.81 -33.80
N ASN A 35 5.90 -1.99 -33.55
CA ASN A 35 7.04 -2.55 -34.22
C ASN A 35 6.56 -3.59 -35.21
N GLU A 36 7.40 -3.89 -36.21
CA GLU A 36 7.13 -4.83 -37.29
C GLU A 36 6.48 -6.10 -36.78
N SER A 37 6.95 -6.64 -35.65
CA SER A 37 6.40 -7.87 -35.07
C SER A 37 4.94 -7.70 -34.65
N TYR A 38 4.69 -6.67 -33.83
CA TYR A 38 3.36 -6.32 -33.32
C TYR A 38 2.35 -5.97 -34.42
N ILE A 39 2.73 -5.01 -35.28
CA ILE A 39 1.88 -4.56 -36.38
C ILE A 39 1.31 -5.74 -37.16
N ARG A 40 2.14 -6.78 -37.40
CA ARG A 40 1.77 -8.00 -38.09
C ARG A 40 0.73 -8.78 -37.28
N LYS A 41 1.01 -8.98 -35.97
CA LYS A 41 0.17 -9.65 -35.01
C LYS A 41 -1.25 -9.10 -35.07
N ILE A 42 -1.40 -7.77 -34.92
CA ILE A 42 -2.71 -7.10 -34.90
C ILE A 42 -3.45 -7.25 -36.23
N ILE A 43 -2.72 -7.27 -37.36
CA ILE A 43 -3.34 -7.45 -38.68
C ILE A 43 -3.85 -8.88 -38.80
N GLN A 44 -3.00 -9.86 -38.46
CA GLN A 44 -3.41 -11.26 -38.50
C GLN A 44 -4.64 -11.50 -37.63
N TRP A 45 -4.70 -10.83 -36.44
CA TRP A 45 -5.81 -10.86 -35.48
C TRP A 45 -7.08 -10.22 -36.07
N ALA A 46 -6.94 -9.03 -36.67
CA ALA A 46 -8.07 -8.31 -37.26
C ALA A 46 -8.63 -9.20 -38.32
N ASN A 47 -7.75 -9.68 -39.23
CA ASN A 47 -8.07 -10.50 -40.39
C ASN A 47 -8.82 -11.76 -40.05
N SER A 48 -8.39 -12.47 -38.99
CA SER A 48 -8.95 -13.73 -38.52
C SER A 48 -10.29 -13.62 -37.85
N ASN A 49 -10.50 -12.58 -37.08
CA ASN A 49 -11.72 -12.40 -36.33
C ASN A 49 -12.85 -11.57 -36.99
N PHE A 50 -12.50 -10.61 -37.87
CA PHE A 50 -13.49 -9.70 -38.42
C PHE A 50 -13.81 -9.88 -39.90
N ASP A 51 -15.01 -9.35 -40.30
CA ASP A 51 -15.47 -9.40 -41.67
C ASP A 51 -14.58 -8.49 -42.50
N ASP A 52 -14.18 -7.35 -41.92
CA ASP A 52 -13.33 -6.37 -42.59
C ASP A 52 -12.55 -5.53 -41.55
N PHE A 53 -11.42 -4.93 -41.96
CA PHE A 53 -10.64 -4.03 -41.11
C PHE A 53 -10.02 -2.94 -41.96
N SER A 54 -9.60 -1.88 -41.28
CA SER A 54 -8.94 -0.70 -41.80
C SER A 54 -7.79 -0.48 -40.86
N ILE A 55 -6.81 0.28 -41.31
CA ILE A 55 -5.70 0.70 -40.48
C ILE A 55 -5.67 2.24 -40.47
N LEU A 56 -5.50 2.82 -39.31
CA LEU A 56 -5.40 4.26 -39.19
C LEU A 56 -4.02 4.57 -38.68
N LEU A 57 -3.27 5.28 -39.49
CA LEU A 57 -1.90 5.71 -39.23
C LEU A 57 -1.94 7.21 -38.86
N ALA A 58 -0.87 7.73 -38.26
CA ALA A 58 -0.81 9.13 -37.85
C ALA A 58 -0.93 10.14 -39.01
N GLY A 59 -1.65 11.22 -38.78
CA GLY A 59 -1.85 12.28 -39.78
C GLY A 59 -0.68 13.24 -39.83
N GLU A 60 -0.77 14.26 -40.70
CA GLU A 60 0.25 15.29 -40.90
C GLU A 60 0.59 16.03 -39.63
N GLU A 61 -0.42 16.27 -38.78
CA GLU A 61 -0.33 17.00 -37.53
C GLU A 61 0.58 16.31 -36.50
N SER A 62 1.26 15.23 -36.95
CA SER A 62 2.25 14.52 -36.12
C SER A 62 3.56 15.30 -36.10
N LYS A 63 3.73 16.25 -37.04
CA LYS A 63 4.93 17.07 -37.06
C LYS A 63 5.01 17.84 -35.74
N ASN A 64 3.84 18.40 -35.32
CA ASN A 64 3.60 19.20 -34.12
C ASN A 64 4.20 18.58 -32.87
N LEU A 65 4.04 17.27 -32.72
CA LEU A 65 4.59 16.51 -31.59
C LEU A 65 6.12 16.51 -31.61
N LEU A 66 6.73 16.37 -32.80
CA LEU A 66 8.19 16.38 -32.96
C LEU A 66 8.74 17.80 -32.74
N GLU A 67 8.00 18.82 -33.21
CA GLU A 67 8.35 20.23 -33.03
C GLU A 67 8.42 20.60 -31.53
N CYS A 68 7.52 20.01 -30.71
CA CYS A 68 7.47 20.20 -29.27
C CYS A 68 8.60 19.44 -28.60
N LEU A 69 9.15 18.41 -29.28
CA LEU A 69 10.28 17.64 -28.76
C LEU A 69 11.60 18.22 -29.33
N GLY A 70 11.53 19.48 -29.78
CA GLY A 70 12.65 20.24 -30.33
C GLY A 70 13.16 19.75 -31.67
N TYR A 71 12.32 19.87 -32.72
CA TYR A 71 12.65 19.49 -34.11
C TYR A 71 12.27 20.63 -35.02
N SER A 72 13.11 20.85 -36.04
CA SER A 72 12.90 21.85 -37.08
C SER A 72 11.64 21.47 -37.86
N SER A 73 10.81 22.46 -38.28
CA SER A 73 9.58 22.18 -39.05
C SER A 73 9.85 21.29 -40.27
N SER A 74 11.05 21.42 -40.89
CA SER A 74 11.45 20.58 -42.01
C SER A 74 11.89 19.18 -41.52
N LYS A 75 12.71 19.12 -40.42
CA LYS A 75 13.20 17.86 -39.84
C LYS A 75 12.04 16.96 -39.36
N ALA A 76 10.98 17.60 -38.78
CA ALA A 76 9.76 16.96 -38.29
C ALA A 76 8.98 16.34 -39.46
N ASN A 77 8.75 17.11 -40.55
CA ASN A 77 8.05 16.61 -41.74
C ASN A 77 8.80 15.48 -42.42
N GLN A 78 10.14 15.47 -42.30
CA GLN A 78 10.98 14.41 -42.86
C GLN A 78 10.84 13.13 -42.06
N LYS A 79 10.93 13.22 -40.69
CA LYS A 79 10.79 12.07 -39.76
C LYS A 79 9.39 11.45 -39.83
N VAL A 80 8.33 12.28 -40.00
CA VAL A 80 6.93 11.87 -40.12
C VAL A 80 6.77 11.07 -41.42
N ARG A 81 7.22 11.61 -42.57
CA ARG A 81 7.15 10.97 -43.87
C ARG A 81 7.83 9.62 -43.85
N LYS A 82 9.06 9.56 -43.30
CA LYS A 82 9.91 8.37 -43.23
C LYS A 82 9.23 7.28 -42.45
N GLU A 83 8.61 7.62 -41.30
CA GLU A 83 7.91 6.68 -40.42
C GLU A 83 6.64 6.14 -41.09
N ILE A 84 5.77 7.03 -41.59
CA ILE A 84 4.52 6.65 -42.22
C ILE A 84 4.78 5.74 -43.42
N LYS A 85 5.78 6.04 -44.27
CA LYS A 85 6.14 5.20 -45.42
C LYS A 85 6.60 3.81 -44.96
N ARG A 86 7.37 3.75 -43.87
CA ARG A 86 7.87 2.52 -43.24
C ARG A 86 6.66 1.69 -42.74
N GLN A 87 5.69 2.37 -42.08
CA GLN A 87 4.47 1.76 -41.55
C GLN A 87 3.62 1.22 -42.68
N ILE A 88 3.43 2.02 -43.75
CA ILE A 88 2.68 1.65 -44.94
C ILE A 88 3.25 0.39 -45.58
N ARG A 89 4.58 0.35 -45.77
CA ARG A 89 5.27 -0.81 -46.37
C ARG A 89 5.06 -2.09 -45.56
N PHE A 90 5.14 -2.05 -44.20
CA PHE A 90 4.89 -3.21 -43.35
C PHE A 90 3.44 -3.68 -43.45
N CYS A 91 2.50 -2.71 -43.37
CA CYS A 91 1.05 -2.94 -43.45
C CYS A 91 0.64 -3.57 -44.75
N GLU A 92 1.11 -2.99 -45.87
CA GLU A 92 0.80 -3.53 -47.19
C GLU A 92 1.28 -4.97 -47.35
N ASP A 93 2.45 -5.30 -46.78
CA ASP A 93 3.01 -6.63 -46.82
C ASP A 93 2.15 -7.64 -46.12
N GLU A 94 1.61 -7.27 -44.95
CA GLU A 94 0.76 -8.17 -44.17
C GLU A 94 -0.61 -8.36 -44.76
N ILE A 95 -1.16 -7.29 -45.38
CA ILE A 95 -2.46 -7.34 -46.03
C ILE A 95 -2.39 -8.33 -47.21
N ILE A 96 -1.27 -8.31 -47.99
CA ILE A 96 -1.08 -9.27 -49.10
C ILE A 96 -1.04 -10.70 -48.57
N LYS A 97 -0.29 -10.91 -47.48
CA LYS A 97 -0.19 -12.24 -46.86
C LYS A 97 -1.57 -12.75 -46.46
N CYS A 98 -2.53 -11.83 -46.22
CA CYS A 98 -3.91 -12.14 -45.83
C CYS A 98 -4.83 -12.36 -47.02
N ASN A 99 -4.29 -12.21 -48.26
CA ASN A 99 -5.01 -12.31 -49.53
C ASN A 99 -6.18 -11.29 -49.55
N LYS A 100 -5.84 -10.06 -49.15
CA LYS A 100 -6.77 -8.97 -49.11
C LYS A 100 -6.17 -7.81 -49.93
N THR A 101 -7.03 -6.97 -50.52
CA THR A 101 -6.59 -5.82 -51.29
C THR A 101 -6.17 -4.70 -50.36
N ILE A 102 -5.17 -3.91 -50.76
CA ILE A 102 -4.67 -2.79 -49.98
C ILE A 102 -5.53 -1.54 -50.19
N THR A 103 -6.13 -1.42 -51.39
CA THR A 103 -6.93 -0.28 -51.83
C THR A 103 -8.06 0.02 -50.87
N ASN A 104 -7.95 1.21 -50.26
CA ASN A 104 -8.79 1.90 -49.29
C ASN A 104 -8.79 1.23 -47.90
N ARG A 105 -7.80 0.36 -47.64
CA ARG A 105 -7.61 -0.34 -46.37
C ARG A 105 -6.82 0.47 -45.38
N ILE A 106 -5.77 1.25 -45.81
CA ILE A 106 -4.89 2.07 -44.93
C ILE A 106 -5.21 3.56 -45.08
N HIS A 107 -5.35 4.26 -43.95
CA HIS A 107 -5.66 5.69 -43.92
C HIS A 107 -4.81 6.42 -42.90
N ARG A 108 -4.77 7.74 -43.02
CA ARG A 108 -4.12 8.65 -42.11
C ARG A 108 -5.23 9.60 -41.57
N PHE A 109 -5.11 10.20 -40.38
CA PHE A 109 -6.23 11.08 -40.01
C PHE A 109 -6.23 12.42 -40.77
N SER A 110 -5.24 12.60 -41.67
CA SER A 110 -5.02 13.76 -42.53
C SER A 110 -5.64 13.60 -43.88
N ASP A 111 -6.04 12.36 -44.21
CA ASP A 111 -6.60 11.99 -45.50
C ASP A 111 -7.99 12.55 -45.77
N PHE A 112 -8.76 12.86 -44.74
CA PHE A 112 -10.14 13.26 -44.95
C PHE A 112 -10.40 14.76 -44.68
N LYS A 113 -9.33 15.58 -44.79
CA LYS A 113 -9.35 17.02 -44.66
C LYS A 113 -10.49 17.65 -45.51
N ASN A 114 -10.73 17.16 -46.73
CA ASN A 114 -11.77 17.72 -47.58
C ASN A 114 -13.08 16.90 -47.62
N ASN A 115 -13.27 15.98 -46.64
CA ASN A 115 -14.45 15.14 -46.50
C ASN A 115 -15.51 15.87 -45.68
N ILE A 116 -16.71 16.06 -46.24
CA ILE A 116 -17.80 16.79 -45.58
C ILE A 116 -18.07 16.26 -44.18
N TYR A 117 -18.07 14.90 -43.99
CA TYR A 117 -18.33 14.26 -42.70
C TYR A 117 -17.22 14.49 -41.68
N TYR A 118 -15.96 14.48 -42.13
CA TYR A 118 -14.83 14.74 -41.24
C TYR A 118 -14.82 16.24 -40.88
N ILE A 119 -15.06 17.13 -41.88
CA ILE A 119 -15.15 18.59 -41.74
C ILE A 119 -16.18 18.97 -40.64
N ASP A 120 -17.37 18.35 -40.68
CA ASP A 120 -18.44 18.56 -39.71
C ASP A 120 -18.01 18.16 -38.30
N ILE A 121 -17.56 16.89 -38.11
CA ILE A 121 -17.11 16.35 -36.83
C ILE A 121 -15.93 17.19 -36.27
N TYR A 122 -14.88 17.46 -37.11
CA TYR A 122 -13.73 18.29 -36.68
C TYR A 122 -14.15 19.65 -36.16
N LYS A 123 -15.09 20.33 -36.86
CA LYS A 123 -15.61 21.64 -36.47
C LYS A 123 -16.26 21.57 -35.09
N THR A 124 -17.26 20.68 -34.93
CA THR A 124 -17.99 20.38 -33.68
C THR A 124 -17.01 20.14 -32.53
N ILE A 125 -15.89 19.40 -32.77
CA ILE A 125 -14.86 19.13 -31.77
C ILE A 125 -14.08 20.41 -31.44
N VAL A 126 -13.57 21.15 -32.47
CA VAL A 126 -12.83 22.40 -32.26
C VAL A 126 -13.68 23.44 -31.51
N ASP A 127 -14.98 23.53 -31.84
CA ASP A 127 -15.90 24.45 -31.17
C ASP A 127 -15.87 24.19 -29.66
N GLN A 128 -16.00 22.90 -29.25
CA GLN A 128 -15.94 22.46 -27.85
C GLN A 128 -14.57 22.76 -27.22
N PHE A 129 -13.51 22.56 -28.00
CA PHE A 129 -12.16 22.82 -27.52
C PHE A 129 -11.97 24.29 -27.11
N ASN A 130 -12.60 25.21 -27.85
CA ASN A 130 -12.54 26.65 -27.59
C ASN A 130 -13.57 27.10 -26.52
N THR A 131 -14.81 26.58 -26.58
CA THR A 131 -15.87 26.91 -25.63
C THR A 131 -15.67 26.17 -24.29
N ASP A 132 -15.87 24.82 -24.25
CA ASP A 132 -15.70 23.97 -23.05
C ASP A 132 -14.24 23.94 -22.56
N SER A 133 -14.03 24.46 -21.35
CA SER A 133 -12.74 24.59 -20.68
C SER A 133 -12.22 23.26 -20.17
N ASN A 134 -13.16 22.41 -19.70
CA ASN A 134 -12.89 21.07 -19.17
C ASN A 134 -12.34 20.16 -20.29
N PHE A 135 -12.99 20.22 -21.47
CA PHE A 135 -12.61 19.44 -22.65
C PHE A 135 -11.23 19.86 -23.11
N LYS A 136 -10.95 21.18 -23.17
CA LYS A 136 -9.63 21.72 -23.54
C LYS A 136 -8.54 21.08 -22.67
N ASN A 137 -8.76 21.05 -21.33
CA ASN A 137 -7.84 20.43 -20.38
C ASN A 137 -7.63 18.94 -20.68
N SER A 138 -8.76 18.19 -20.87
CA SER A 138 -8.74 16.76 -21.18
C SER A 138 -7.88 16.49 -22.42
N CYS A 139 -8.00 17.36 -23.45
CA CYS A 139 -7.21 17.26 -24.68
C CYS A 139 -5.71 17.44 -24.39
N LEU A 140 -5.38 18.47 -23.59
CA LEU A 140 -4.00 18.82 -23.24
C LEU A 140 -3.31 17.71 -22.44
N LYS A 141 -4.08 16.99 -21.60
CA LYS A 141 -3.61 15.83 -20.84
C LYS A 141 -3.18 14.73 -21.84
N MET A 142 -4.00 14.50 -22.89
CA MET A 142 -3.71 13.52 -23.95
C MET A 142 -2.48 13.97 -24.76
N SER A 143 -2.37 15.29 -25.05
CA SER A 143 -1.22 15.89 -25.75
C SER A 143 0.05 15.62 -24.94
N LEU A 144 -0.03 15.79 -23.60
CA LEU A 144 1.08 15.55 -22.68
C LEU A 144 1.52 14.07 -22.73
N GLN A 145 0.55 13.13 -22.74
CA GLN A 145 0.86 11.72 -22.80
C GLN A 145 1.47 11.31 -24.14
N ALA A 146 1.00 11.96 -25.22
CA ALA A 146 1.47 11.72 -26.58
C ALA A 146 2.94 12.12 -26.70
N LEU A 147 3.32 13.23 -26.06
CA LEU A 147 4.71 13.72 -26.06
C LEU A 147 5.62 12.78 -25.29
N GLN A 148 5.12 12.20 -24.19
CA GLN A 148 5.84 11.25 -23.34
C GLN A 148 6.06 9.95 -24.09
N SER A 149 4.97 9.33 -24.62
CA SER A 149 4.96 8.05 -25.35
C SER A 149 5.93 8.00 -26.54
N LYS A 150 6.20 9.16 -27.18
CA LYS A 150 7.12 9.32 -28.32
C LYS A 150 8.55 9.77 -27.86
N GLY A 151 8.80 9.74 -26.54
CA GLY A 151 10.07 10.07 -25.90
C GLY A 151 11.09 8.95 -26.04
N LYS A 152 11.82 8.97 -27.17
CA LYS A 152 12.85 8.02 -27.60
C LYS A 152 14.21 8.74 -27.81
N ASN A 153 14.17 9.93 -28.49
CA ASN A 153 15.34 10.77 -28.80
C ASN A 153 15.49 11.94 -27.77
N GLU A 159 11.35 19.15 -22.39
CA GLU A 159 10.71 20.40 -21.95
C GLU A 159 9.22 20.40 -22.22
N ILE A 160 8.44 21.08 -21.35
CA ILE A 160 6.97 21.20 -21.41
C ILE A 160 6.48 22.53 -20.82
N THR A 161 5.55 23.17 -21.53
CA THR A 161 4.82 24.37 -21.12
C THR A 161 3.36 24.23 -21.57
N ASP A 162 2.44 25.09 -21.10
CA ASP A 162 1.03 25.02 -21.51
C ASP A 162 0.82 25.43 -22.96
N GLU A 163 1.78 26.21 -23.51
CA GLU A 163 1.83 26.67 -24.90
C GLU A 163 2.15 25.47 -25.81
N THR A 164 3.13 24.65 -25.37
CA THR A 164 3.63 23.40 -26.00
C THR A 164 2.45 22.43 -26.19
N LEU A 165 1.61 22.28 -25.15
CA LEU A 165 0.45 21.38 -25.12
C LEU A 165 -0.67 21.84 -26.02
N GLU A 166 -0.88 23.16 -26.21
CA GLU A 166 -1.92 23.68 -27.11
C GLU A 166 -1.56 23.41 -28.58
N TYR A 167 -0.25 23.39 -28.88
CA TYR A 167 0.26 23.08 -30.21
C TYR A 167 0.09 21.58 -30.46
N ALA A 168 0.57 20.73 -29.50
CA ALA A 168 0.48 19.28 -29.57
C ALA A 168 -0.96 18.77 -29.63
N ALA A 169 -1.93 19.58 -29.13
CA ALA A 169 -3.37 19.25 -29.11
C ALA A 169 -3.98 19.21 -30.52
N GLN A 170 -3.34 19.90 -31.49
CA GLN A 170 -3.80 19.94 -32.90
C GLN A 170 -3.92 18.52 -33.50
N TYR A 171 -2.99 17.61 -33.08
CA TYR A 171 -2.90 16.19 -33.41
C TYR A 171 -4.12 15.49 -32.83
N VAL A 172 -4.34 15.62 -31.50
CA VAL A 172 -5.46 15.04 -30.74
C VAL A 172 -6.77 15.39 -31.43
N LEU A 173 -7.00 16.70 -31.66
CA LEU A 173 -8.20 17.24 -32.32
C LEU A 173 -8.46 16.63 -33.69
N ALA A 174 -7.39 16.46 -34.49
CA ALA A 174 -7.44 15.89 -35.84
C ALA A 174 -7.71 14.39 -35.86
N GLU A 175 -7.19 13.64 -34.85
CA GLU A 175 -7.33 12.19 -34.66
C GLU A 175 -8.75 11.79 -34.16
N LEU A 176 -9.34 12.64 -33.33
CA LEU A 176 -10.61 12.51 -32.62
C LEU A 176 -11.82 12.15 -33.48
N PRO A 177 -12.03 12.75 -34.67
CA PRO A 177 -13.21 12.35 -35.47
C PRO A 177 -13.37 10.85 -35.74
N PHE A 178 -12.22 10.10 -35.85
CA PHE A 178 -12.20 8.63 -36.04
C PHE A 178 -12.55 7.84 -34.75
N PHE A 179 -12.45 8.49 -33.62
CA PHE A 179 -12.75 7.87 -32.33
C PHE A 179 -14.23 7.99 -31.95
N LEU A 180 -14.87 9.10 -32.42
CA LEU A 180 -16.26 9.41 -32.13
C LEU A 180 -17.25 8.83 -33.16
N ASN A 181 -16.98 9.00 -34.47
CA ASN A 181 -17.83 8.44 -35.53
C ASN A 181 -17.08 8.33 -36.87
N ALA A 182 -16.29 7.27 -37.01
CA ALA A 182 -15.50 6.99 -38.18
C ALA A 182 -16.37 6.51 -39.33
N ASN A 183 -17.50 5.86 -39.03
CA ASN A 183 -18.46 5.26 -39.99
C ASN A 183 -18.77 6.10 -41.25
N PRO A 184 -19.24 7.38 -41.19
CA PRO A 184 -19.53 8.08 -42.44
C PRO A 184 -18.29 8.58 -43.21
N ILE A 185 -17.11 8.62 -42.54
CA ILE A 185 -15.85 9.07 -43.11
C ILE A 185 -15.24 7.93 -43.95
N ILE A 186 -14.91 6.81 -43.31
CA ILE A 186 -14.32 5.62 -43.95
C ILE A 186 -15.37 4.71 -44.60
N ASN A 187 -16.66 5.10 -44.49
CA ASN A 187 -17.80 4.43 -45.08
C ASN A 187 -18.03 2.99 -44.55
N THR A 188 -18.32 2.88 -43.24
CA THR A 188 -18.65 1.60 -42.58
C THR A 188 -20.04 1.70 -41.96
N GLN A 189 -20.69 0.53 -41.71
CA GLN A 189 -22.00 0.44 -41.10
C GLN A 189 -21.81 0.66 -39.59
N GLU A 190 -20.89 -0.12 -38.97
CA GLU A 190 -20.45 -0.04 -37.57
C GLU A 190 -18.98 -0.46 -37.56
N THR A 191 -18.19 0.06 -36.60
CA THR A 191 -16.75 -0.17 -36.50
C THR A 191 -16.26 0.04 -35.08
N LEU A 192 -15.07 -0.51 -34.74
CA LEU A 192 -14.43 -0.34 -33.42
C LEU A 192 -13.04 0.24 -33.66
N MET A 193 -12.63 1.23 -32.86
CA MET A 193 -11.27 1.70 -32.92
C MET A 193 -10.49 0.84 -31.88
N ALA A 194 -9.50 -0.02 -32.33
CA ALA A 194 -8.71 -0.91 -31.48
C ALA A 194 -7.30 -0.37 -31.20
N TYR A 195 -6.95 -0.26 -29.92
CA TYR A 195 -5.66 0.22 -29.48
C TYR A 195 -5.13 -0.63 -28.29
N HIS A 196 -3.85 -0.44 -27.88
CA HIS A 196 -3.24 -1.25 -26.80
C HIS A 196 -3.41 -0.73 -25.38
N ALA A 197 -3.81 0.52 -25.24
CA ALA A 197 -3.93 1.20 -23.96
C ALA A 197 -5.33 1.80 -23.78
N PRO A 198 -5.79 2.14 -22.54
CA PRO A 198 -7.10 2.81 -22.41
C PRO A 198 -7.05 4.24 -22.95
N TRP A 199 -8.21 4.90 -23.03
CA TRP A 199 -8.34 6.25 -23.57
C TRP A 199 -9.15 7.06 -22.58
N GLU A 200 -8.43 7.86 -21.75
CA GLU A 200 -8.99 8.67 -20.66
C GLU A 200 -10.03 9.68 -21.14
N LEU A 201 -9.78 10.33 -22.30
CA LEU A 201 -10.71 11.31 -22.88
C LEU A 201 -12.03 10.61 -23.18
N GLY A 202 -11.92 9.41 -23.74
CA GLY A 202 -13.04 8.60 -24.12
C GLY A 202 -13.90 8.22 -22.96
N THR A 203 -13.26 7.93 -21.80
CA THR A 203 -13.95 7.54 -20.56
C THR A 203 -14.87 8.68 -20.19
N ASN A 204 -14.34 9.90 -20.23
CA ASN A 204 -15.03 11.15 -19.93
C ASN A 204 -16.13 11.48 -20.95
N ILE A 205 -15.92 11.13 -22.24
CA ILE A 205 -16.90 11.34 -23.30
C ILE A 205 -18.14 10.49 -22.99
N ILE A 206 -17.88 9.23 -22.65
CA ILE A 206 -18.82 8.15 -22.31
C ILE A 206 -19.57 8.45 -21.01
N ASN A 207 -18.96 9.22 -20.07
CA ASN A 207 -19.61 9.60 -18.81
C ASN A 207 -20.28 10.98 -18.97
N ASP A 208 -20.68 11.31 -20.21
CA ASP A 208 -21.34 12.55 -20.69
C ASP A 208 -20.78 13.80 -20.04
N GLN A 209 -19.45 13.92 -19.99
CA GLN A 209 -18.80 15.06 -19.34
C GLN A 209 -18.59 16.22 -20.29
N PHE A 210 -18.84 15.99 -21.60
CA PHE A 210 -18.72 17.04 -22.62
C PHE A 210 -19.92 17.07 -23.55
N ASN A 211 -19.96 18.09 -24.43
CA ASN A 211 -21.03 18.30 -25.43
C ASN A 211 -20.76 17.51 -26.72
N LEU A 212 -19.95 16.45 -26.61
CA LEU A 212 -19.57 15.52 -27.68
C LEU A 212 -20.02 14.11 -27.29
N LYS A 213 -20.35 13.29 -28.29
CA LYS A 213 -20.81 11.93 -28.05
C LYS A 213 -20.20 10.93 -29.02
N MET A 214 -19.80 9.76 -28.51
CA MET A 214 -19.31 8.71 -29.37
C MET A 214 -20.55 7.99 -29.93
N ASN A 215 -20.68 7.97 -31.26
CA ASN A 215 -21.80 7.38 -31.98
C ASN A 215 -22.13 5.95 -31.54
N GLU A 216 -23.44 5.62 -31.51
CA GLU A 216 -24.03 4.33 -31.15
C GLU A 216 -23.47 3.17 -31.96
N LYS A 217 -23.04 3.45 -33.22
CA LYS A 217 -22.45 2.50 -34.18
C LYS A 217 -20.89 2.56 -34.15
N GLN A 218 -20.34 3.06 -33.03
CA GLN A 218 -18.91 3.26 -32.84
C GLN A 218 -18.45 2.83 -31.43
N GLY A 219 -17.36 2.05 -31.39
CA GLY A 219 -16.78 1.58 -30.13
C GLY A 219 -15.30 1.85 -29.95
N TYR A 220 -14.76 1.39 -28.81
CA TYR A 220 -13.33 1.48 -28.50
C TYR A 220 -12.93 0.24 -27.68
N ILE A 221 -11.97 -0.56 -28.22
CA ILE A 221 -11.49 -1.77 -27.55
C ILE A 221 -10.00 -1.67 -27.22
N ILE A 222 -9.59 -2.31 -26.10
CA ILE A 222 -8.19 -2.36 -25.65
C ILE A 222 -7.61 -3.77 -25.83
N LEU A 223 -6.56 -3.88 -26.67
CA LEU A 223 -5.89 -5.14 -26.99
C LEU A 223 -4.63 -5.39 -26.16
N THR A 224 -4.65 -6.44 -25.34
CA THR A 224 -3.45 -6.82 -24.58
C THR A 224 -2.97 -8.24 -24.99
N GLU A 225 -1.67 -8.37 -25.33
CA GLU A 225 -1.08 -9.61 -25.82
C GLU A 225 -1.20 -10.73 -24.80
N LYS A 226 -1.62 -11.91 -25.27
CA LYS A 226 -1.77 -13.09 -24.44
C LYS A 226 -0.48 -13.94 -24.52
N ASN B 3 7.16 1.33 -77.94
CA ASN B 3 6.19 1.43 -76.85
C ASN B 3 4.83 2.02 -77.31
N PHE B 4 4.33 3.05 -76.58
CA PHE B 4 3.08 3.76 -76.90
C PHE B 4 3.33 5.02 -77.71
N LYS B 5 2.39 5.34 -78.58
CA LYS B 5 2.38 6.59 -79.33
C LYS B 5 1.43 7.50 -78.53
N VAL B 6 1.93 8.67 -78.09
CA VAL B 6 1.14 9.59 -77.28
C VAL B 6 0.59 10.76 -78.11
N ASP B 7 -0.73 10.96 -78.08
CA ASP B 7 -1.42 12.06 -78.76
C ASP B 7 -1.97 13.02 -77.72
N PHE B 8 -2.21 14.29 -78.09
CA PHE B 8 -2.63 15.31 -77.14
C PHE B 8 -3.90 15.99 -77.54
N LEU B 9 -4.74 16.32 -76.55
CA LEU B 9 -6.00 17.01 -76.77
C LEU B 9 -5.71 18.49 -77.07
N THR B 10 -4.72 19.08 -76.38
CA THR B 10 -4.29 20.47 -76.58
C THR B 10 -2.77 20.56 -76.53
N LYS B 11 -2.20 21.73 -76.94
CA LYS B 11 -0.76 21.99 -76.88
C LYS B 11 -0.32 22.03 -75.41
N ASN B 12 -1.20 22.59 -74.54
CA ASN B 12 -0.99 22.68 -73.11
C ASN B 12 -0.79 21.29 -72.48
N CYS B 13 -1.54 20.26 -72.96
CA CYS B 13 -1.43 18.88 -72.51
C CYS B 13 -0.01 18.37 -72.78
N LYS B 14 0.59 18.73 -73.96
CA LYS B 14 1.95 18.36 -74.36
C LYS B 14 2.96 19.00 -73.41
N GLN B 15 2.73 20.28 -73.02
CA GLN B 15 3.56 21.02 -72.08
C GLN B 15 3.58 20.31 -70.72
N ILE B 16 2.37 19.91 -70.22
CA ILE B 16 2.20 19.18 -68.95
C ILE B 16 2.95 17.84 -69.06
N TYR B 17 2.71 17.10 -70.15
CA TYR B 17 3.32 15.80 -70.45
C TYR B 17 4.84 15.88 -70.34
N GLN B 18 5.46 16.91 -71.01
CA GLN B 18 6.89 17.19 -71.01
C GLN B 18 7.45 17.17 -69.59
N ARG B 19 6.79 17.88 -68.66
CA ARG B 19 7.15 17.99 -67.23
C ARG B 19 7.18 16.63 -66.45
N LYS B 20 6.37 15.61 -66.90
CA LYS B 20 6.25 14.23 -66.36
C LYS B 20 6.03 14.14 -64.82
N LYS B 21 5.34 15.12 -64.24
CA LYS B 21 5.10 15.17 -62.80
C LYS B 21 4.11 14.06 -62.29
N HIS B 22 3.02 13.76 -63.07
CA HIS B 22 1.97 12.79 -62.68
C HIS B 22 1.00 12.46 -63.82
N VAL B 23 0.51 11.20 -63.84
CA VAL B 23 -0.49 10.72 -64.81
C VAL B 23 -1.52 9.81 -64.17
N ILE B 24 -2.79 9.96 -64.61
CA ILE B 24 -3.90 9.13 -64.19
C ILE B 24 -4.15 8.13 -65.31
N LEU B 25 -4.03 6.84 -65.02
CA LEU B 25 -4.32 5.82 -66.01
C LEU B 25 -5.80 5.47 -65.88
N GLY B 26 -6.59 5.83 -66.88
CA GLY B 26 -8.01 5.49 -66.89
C GLY B 26 -8.16 4.05 -67.31
N ILE B 27 -8.93 3.23 -66.55
CA ILE B 27 -9.13 1.81 -66.89
C ILE B 27 -10.64 1.53 -67.00
N SER B 28 -11.06 1.15 -68.21
CA SER B 28 -12.45 0.89 -68.54
C SER B 28 -12.96 -0.52 -68.19
N PRO B 29 -14.20 -0.61 -67.63
CA PRO B 29 -14.76 -1.94 -67.34
C PRO B 29 -15.39 -2.58 -68.57
N PHE B 30 -15.39 -3.94 -68.59
CA PHE B 30 -16.02 -4.80 -69.61
C PHE B 30 -15.51 -4.54 -71.04
N THR B 31 -14.36 -3.84 -71.18
CA THR B 31 -13.78 -3.56 -72.49
C THR B 31 -12.73 -4.61 -72.82
N SER B 32 -12.68 -4.94 -74.11
CA SER B 32 -11.77 -5.94 -74.65
C SER B 32 -10.31 -5.51 -74.49
N LYS B 33 -10.06 -4.17 -74.61
CA LYS B 33 -8.75 -3.49 -74.56
C LYS B 33 -8.03 -3.65 -73.25
N TYR B 34 -8.72 -3.36 -72.11
CA TYR B 34 -8.19 -3.38 -70.74
C TYR B 34 -8.14 -4.81 -70.11
N ASN B 35 -7.32 -5.69 -70.76
CA ASN B 35 -7.04 -7.07 -70.36
C ASN B 35 -5.78 -7.10 -69.49
N GLU B 36 -5.54 -8.21 -68.75
CA GLU B 36 -4.39 -8.38 -67.86
C GLU B 36 -3.08 -7.89 -68.49
N SER B 37 -2.86 -8.21 -69.79
CA SER B 37 -1.67 -7.83 -70.53
C SER B 37 -1.51 -6.30 -70.64
N TYR B 38 -2.57 -5.62 -71.20
CA TYR B 38 -2.61 -4.17 -71.43
C TYR B 38 -2.45 -3.34 -70.19
N ILE B 39 -3.13 -3.71 -69.10
CA ILE B 39 -3.09 -3.07 -67.79
C ILE B 39 -1.64 -3.11 -67.25
N ARG B 40 -0.94 -4.26 -67.42
CA ARG B 40 0.44 -4.43 -66.99
C ARG B 40 1.33 -3.43 -67.77
N LYS B 41 1.07 -3.31 -69.09
CA LYS B 41 1.78 -2.42 -70.01
C LYS B 41 1.69 -0.97 -69.56
N ILE B 42 0.45 -0.43 -69.43
CA ILE B 42 0.19 0.97 -69.07
C ILE B 42 0.74 1.32 -67.70
N ILE B 43 0.73 0.36 -66.74
CA ILE B 43 1.29 0.60 -65.42
C ILE B 43 2.79 0.77 -65.54
N GLN B 44 3.47 -0.20 -66.21
CA GLN B 44 4.92 -0.17 -66.43
C GLN B 44 5.35 1.11 -67.14
N TRP B 45 4.51 1.58 -68.09
CA TRP B 45 4.69 2.80 -68.87
C TRP B 45 4.60 4.03 -67.99
N ALA B 46 3.53 4.15 -67.20
CA ALA B 46 3.33 5.26 -66.27
C ALA B 46 4.50 5.32 -65.29
N ASN B 47 4.87 4.15 -64.70
CA ASN B 47 5.95 4.00 -63.73
C ASN B 47 7.31 4.46 -64.24
N SER B 48 7.64 4.07 -65.47
CA SER B 48 8.92 4.37 -66.11
C SER B 48 9.10 5.81 -66.54
N ASN B 49 8.03 6.43 -67.02
CA ASN B 49 8.07 7.78 -67.56
C ASN B 49 7.77 8.91 -66.60
N PHE B 50 6.92 8.66 -65.56
CA PHE B 50 6.46 9.73 -64.65
C PHE B 50 7.01 9.64 -63.22
N ASP B 51 6.99 10.81 -62.53
CA ASP B 51 7.43 10.94 -61.12
C ASP B 51 6.48 10.11 -60.26
N ASP B 52 5.16 10.29 -60.44
CA ASP B 52 4.11 9.54 -59.78
C ASP B 52 2.97 9.27 -60.76
N PHE B 53 2.08 8.35 -60.40
CA PHE B 53 0.89 7.99 -61.18
C PHE B 53 -0.20 7.46 -60.25
N SER B 54 -1.40 7.37 -60.80
CA SER B 54 -2.62 6.93 -60.15
C SER B 54 -3.45 6.17 -61.17
N ILE B 55 -4.39 5.37 -60.72
CA ILE B 55 -5.28 4.61 -61.60
C ILE B 55 -6.75 4.99 -61.27
N LEU B 56 -7.56 5.23 -62.28
CA LEU B 56 -8.97 5.54 -62.09
C LEU B 56 -9.79 4.47 -62.77
N LEU B 57 -10.58 3.75 -61.97
CA LEU B 57 -11.39 2.60 -62.33
C LEU B 57 -12.84 3.05 -62.25
N ALA B 58 -13.73 2.33 -62.95
CA ALA B 58 -15.15 2.69 -63.00
C ALA B 58 -15.83 2.85 -61.62
N GLY B 59 -16.65 3.89 -61.51
CA GLY B 59 -17.40 4.19 -60.28
C GLY B 59 -18.62 3.31 -60.14
N GLU B 60 -19.39 3.53 -59.08
CA GLU B 60 -20.62 2.77 -58.80
C GLU B 60 -21.65 2.90 -59.92
N GLU B 61 -21.72 4.11 -60.54
CA GLU B 61 -22.63 4.49 -61.63
C GLU B 61 -22.45 3.67 -62.93
N SER B 62 -21.53 2.69 -62.95
CA SER B 62 -21.32 1.82 -64.12
C SER B 62 -22.43 0.79 -64.24
N LYS B 63 -23.14 0.48 -63.13
CA LYS B 63 -24.25 -0.46 -63.15
C LYS B 63 -25.41 0.08 -64.01
N ASN B 64 -25.53 1.43 -64.12
CA ASN B 64 -26.53 2.09 -64.96
C ASN B 64 -26.38 1.64 -66.41
N LEU B 65 -25.13 1.54 -66.90
CA LEU B 65 -24.82 1.10 -68.27
C LEU B 65 -25.29 -0.32 -68.53
N LEU B 66 -25.09 -1.23 -67.53
CA LEU B 66 -25.52 -2.63 -67.61
C LEU B 66 -27.04 -2.74 -67.56
N GLU B 67 -27.68 -1.89 -66.73
CA GLU B 67 -29.14 -1.81 -66.60
C GLU B 67 -29.81 -1.45 -67.94
N CYS B 68 -29.16 -0.55 -68.71
CA CYS B 68 -29.61 -0.14 -70.03
C CYS B 68 -29.35 -1.24 -71.05
N LEU B 69 -28.42 -2.15 -70.77
CA LEU B 69 -28.15 -3.29 -71.64
C LEU B 69 -28.98 -4.51 -71.18
N GLY B 70 -30.06 -4.23 -70.42
CA GLY B 70 -30.99 -5.23 -69.91
C GLY B 70 -30.43 -6.15 -68.84
N TYR B 71 -30.06 -5.58 -67.67
CA TYR B 71 -29.53 -6.31 -66.52
C TYR B 71 -30.30 -5.89 -65.29
N SER B 72 -30.57 -6.87 -64.41
CA SER B 72 -31.24 -6.64 -63.13
C SER B 72 -30.33 -5.74 -62.28
N SER B 73 -30.89 -4.81 -61.48
CA SER B 73 -30.10 -3.93 -60.62
C SER B 73 -29.07 -4.70 -59.77
N SER B 74 -29.40 -5.93 -59.34
CA SER B 74 -28.52 -6.81 -58.56
C SER B 74 -27.48 -7.50 -59.47
N LYS B 75 -27.90 -7.92 -60.69
CA LYS B 75 -27.06 -8.58 -61.70
C LYS B 75 -26.00 -7.59 -62.16
N ALA B 76 -26.41 -6.31 -62.34
CA ALA B 76 -25.58 -5.18 -62.76
C ALA B 76 -24.56 -4.87 -61.67
N ASN B 77 -25.02 -4.80 -60.40
CA ASN B 77 -24.19 -4.55 -59.20
C ASN B 77 -23.13 -5.62 -59.02
N GLN B 78 -23.49 -6.92 -59.23
CA GLN B 78 -22.57 -8.05 -59.06
C GLN B 78 -21.53 -8.06 -60.17
N LYS B 79 -21.92 -7.79 -61.45
CA LYS B 79 -20.99 -7.75 -62.58
C LYS B 79 -19.95 -6.62 -62.42
N VAL B 80 -20.39 -5.42 -61.91
CA VAL B 80 -19.54 -4.24 -61.67
C VAL B 80 -18.55 -4.51 -60.49
N ARG B 81 -19.02 -5.19 -59.40
CA ARG B 81 -18.18 -5.56 -58.26
C ARG B 81 -17.10 -6.54 -58.70
N LYS B 82 -17.51 -7.59 -59.46
CA LYS B 82 -16.64 -8.68 -59.93
C LYS B 82 -15.52 -8.14 -60.79
N GLU B 83 -15.85 -7.22 -61.70
CA GLU B 83 -14.90 -6.60 -62.62
C GLU B 83 -13.89 -5.73 -61.87
N ILE B 84 -14.39 -4.77 -61.05
CA ILE B 84 -13.55 -3.83 -60.30
C ILE B 84 -12.58 -4.60 -59.38
N LYS B 85 -13.05 -5.65 -58.69
CA LYS B 85 -12.18 -6.47 -57.82
C LYS B 85 -11.08 -7.15 -58.61
N ARG B 86 -11.41 -7.67 -59.80
CA ARG B 86 -10.49 -8.32 -60.74
C ARG B 86 -9.43 -7.27 -61.20
N GLN B 87 -9.88 -6.06 -61.57
CA GLN B 87 -9.04 -4.96 -62.02
C GLN B 87 -8.09 -4.56 -60.90
N ILE B 88 -8.64 -4.36 -59.66
CA ILE B 88 -7.87 -4.00 -58.46
C ILE B 88 -6.74 -4.99 -58.20
N ARG B 89 -7.08 -6.31 -58.22
CA ARG B 89 -6.11 -7.37 -57.99
C ARG B 89 -4.96 -7.36 -59.01
N PHE B 90 -5.25 -7.14 -60.33
CA PHE B 90 -4.20 -7.04 -61.36
C PHE B 90 -3.32 -5.82 -61.14
N CYS B 91 -3.96 -4.66 -60.87
CA CYS B 91 -3.30 -3.37 -60.66
C CYS B 91 -2.39 -3.42 -59.46
N GLU B 92 -2.88 -3.93 -58.32
CA GLU B 92 -2.08 -4.03 -57.11
C GLU B 92 -0.85 -4.91 -57.32
N ASP B 93 -0.99 -6.00 -58.08
CA ASP B 93 0.11 -6.90 -58.39
C ASP B 93 1.22 -6.23 -59.15
N GLU B 94 0.84 -5.47 -60.18
CA GLU B 94 1.82 -4.76 -61.00
C GLU B 94 2.42 -3.55 -60.26
N ILE B 95 1.75 -3.02 -59.20
CA ILE B 95 2.24 -1.86 -58.46
C ILE B 95 3.33 -2.32 -57.56
N ILE B 96 3.19 -3.54 -57.03
CA ILE B 96 4.19 -4.18 -56.18
C ILE B 96 5.44 -4.47 -57.00
N LYS B 97 5.25 -5.02 -58.22
CA LYS B 97 6.34 -5.31 -59.17
C LYS B 97 7.16 -4.03 -59.45
N CYS B 98 6.54 -2.84 -59.31
CA CYS B 98 7.18 -1.54 -59.53
C CYS B 98 7.87 -1.01 -58.26
N ASN B 99 7.76 -1.75 -57.15
CA ASN B 99 8.26 -1.40 -55.82
C ASN B 99 7.67 -0.06 -55.36
N LYS B 100 6.36 0.09 -55.58
CA LYS B 100 5.62 1.28 -55.20
C LYS B 100 4.47 0.83 -54.30
N THR B 101 4.03 1.72 -53.39
CA THR B 101 2.94 1.42 -52.47
C THR B 101 1.62 1.54 -53.19
N ILE B 102 0.65 0.71 -52.83
CA ILE B 102 -0.69 0.72 -53.44
C ILE B 102 -1.55 1.82 -52.83
N THR B 103 -1.29 2.16 -51.55
CA THR B 103 -2.06 3.11 -50.76
C THR B 103 -2.15 4.45 -51.45
N ASN B 104 -3.41 4.79 -51.79
CA ASN B 104 -3.95 5.99 -52.43
C ASN B 104 -3.54 6.14 -53.90
N ARG B 105 -3.10 5.04 -54.51
CA ARG B 105 -2.71 4.96 -55.92
C ARG B 105 -3.96 4.65 -56.78
N ILE B 106 -4.82 3.67 -56.38
CA ILE B 106 -6.01 3.26 -57.14
C ILE B 106 -7.29 3.92 -56.59
N HIS B 107 -8.11 4.48 -57.48
CA HIS B 107 -9.37 5.17 -57.15
C HIS B 107 -10.49 4.76 -58.12
N ARG B 108 -11.74 4.99 -57.70
CA ARG B 108 -12.94 4.79 -58.50
C ARG B 108 -13.59 6.20 -58.55
N PHE B 109 -14.27 6.59 -59.65
CA PHE B 109 -14.93 7.92 -59.70
C PHE B 109 -15.83 8.20 -58.48
N SER B 110 -16.53 7.15 -58.05
CA SER B 110 -17.48 7.21 -56.95
C SER B 110 -16.84 7.43 -55.57
N ASP B 111 -15.55 7.08 -55.37
CA ASP B 111 -14.79 7.23 -54.10
C ASP B 111 -14.82 8.62 -53.46
N PHE B 112 -15.05 9.67 -54.24
CA PHE B 112 -14.99 11.03 -53.72
C PHE B 112 -16.35 11.71 -53.60
N LYS B 113 -17.40 10.89 -53.48
CA LYS B 113 -18.79 11.31 -53.30
C LYS B 113 -18.94 12.37 -52.19
N ASN B 114 -18.21 12.20 -51.07
CA ASN B 114 -18.33 13.16 -49.98
C ASN B 114 -17.10 14.12 -49.87
N ASN B 115 -16.36 14.30 -51.00
CA ASN B 115 -15.22 15.22 -51.10
C ASN B 115 -15.75 16.58 -51.59
N ILE B 116 -15.47 17.64 -50.83
CA ILE B 116 -15.93 19.00 -51.11
C ILE B 116 -15.57 19.44 -52.56
N TYR B 117 -14.34 19.11 -53.03
CA TYR B 117 -13.89 19.49 -54.38
C TYR B 117 -14.59 18.71 -55.47
N TYR B 118 -14.87 17.43 -55.24
CA TYR B 118 -15.61 16.62 -56.23
C TYR B 118 -17.07 17.09 -56.25
N ILE B 119 -17.66 17.34 -55.06
CA ILE B 119 -19.04 17.86 -54.87
C ILE B 119 -19.26 19.17 -55.67
N ASP B 120 -18.30 20.11 -55.57
CA ASP B 120 -18.33 21.39 -56.27
C ASP B 120 -18.29 21.21 -57.80
N ILE B 121 -17.27 20.49 -58.32
CA ILE B 121 -17.09 20.22 -59.76
C ILE B 121 -18.32 19.48 -60.31
N TYR B 122 -18.76 18.39 -59.64
CA TYR B 122 -19.93 17.62 -60.05
C TYR B 122 -21.18 18.50 -60.18
N LYS B 123 -21.42 19.42 -59.21
CA LYS B 123 -22.56 20.36 -59.22
C LYS B 123 -22.49 21.24 -60.45
N THR B 124 -21.36 21.97 -60.65
CA THR B 124 -21.15 22.85 -61.80
C THR B 124 -21.34 22.11 -63.13
N ILE B 125 -21.00 20.80 -63.17
CA ILE B 125 -21.19 19.94 -64.35
C ILE B 125 -22.70 19.69 -64.54
N VAL B 126 -23.37 19.18 -63.49
CA VAL B 126 -24.81 18.87 -63.51
C VAL B 126 -25.64 20.12 -63.86
N ASP B 127 -25.23 21.32 -63.35
CA ASP B 127 -25.91 22.58 -63.66
C ASP B 127 -25.92 22.83 -65.17
N GLN B 128 -24.74 22.74 -65.85
CA GLN B 128 -24.63 22.89 -67.30
C GLN B 128 -25.44 21.84 -68.07
N PHE B 129 -25.53 20.61 -67.54
CA PHE B 129 -26.27 19.51 -68.16
C PHE B 129 -27.75 19.87 -68.20
N ASN B 130 -28.28 20.42 -67.10
CA ASN B 130 -29.68 20.81 -67.02
C ASN B 130 -30.00 22.14 -67.75
N THR B 131 -29.10 23.15 -67.65
CA THR B 131 -29.27 24.43 -68.32
C THR B 131 -28.92 24.34 -69.82
N ASP B 132 -27.61 24.18 -70.16
CA ASP B 132 -27.12 24.05 -71.54
C ASP B 132 -27.60 22.76 -72.21
N SER B 133 -28.39 22.91 -73.27
CA SER B 133 -28.95 21.83 -74.08
C SER B 133 -27.87 21.15 -74.99
N ASN B 134 -26.84 21.91 -75.43
CA ASN B 134 -25.74 21.42 -76.28
C ASN B 134 -24.84 20.46 -75.49
N PHE B 135 -24.61 20.77 -74.18
CA PHE B 135 -23.84 19.93 -73.25
C PHE B 135 -24.56 18.63 -73.07
N LYS B 136 -25.86 18.69 -72.65
CA LYS B 136 -26.76 17.56 -72.42
C LYS B 136 -26.68 16.55 -73.56
N ASN B 137 -26.71 17.02 -74.83
CA ASN B 137 -26.59 16.16 -76.01
C ASN B 137 -25.21 15.48 -76.11
N SER B 138 -24.11 16.23 -75.96
CA SER B 138 -22.76 15.66 -76.03
C SER B 138 -22.52 14.55 -74.99
N CYS B 139 -23.19 14.65 -73.81
CA CYS B 139 -23.16 13.66 -72.72
C CYS B 139 -23.89 12.38 -73.18
N LEU B 140 -25.10 12.57 -73.75
CA LEU B 140 -25.94 11.49 -74.26
C LEU B 140 -25.31 10.81 -75.49
N LYS B 141 -24.48 11.57 -76.25
CA LYS B 141 -23.73 11.10 -77.42
C LYS B 141 -22.70 10.08 -76.94
N MET B 142 -21.95 10.42 -75.85
CA MET B 142 -20.94 9.54 -75.23
C MET B 142 -21.60 8.31 -74.65
N SER B 143 -22.82 8.50 -74.08
CA SER B 143 -23.66 7.45 -73.47
C SER B 143 -24.00 6.33 -74.44
N LEU B 144 -24.24 6.62 -75.73
CA LEU B 144 -24.54 5.58 -76.74
C LEU B 144 -23.24 4.89 -77.14
N GLN B 145 -22.13 5.65 -77.23
CA GLN B 145 -20.81 5.11 -77.58
C GLN B 145 -20.44 4.10 -76.51
N ALA B 146 -20.62 4.51 -75.23
CA ALA B 146 -20.35 3.72 -74.04
C ALA B 146 -21.24 2.48 -74.03
N LEU B 147 -22.56 2.64 -74.32
CA LEU B 147 -23.50 1.52 -74.41
C LEU B 147 -23.12 0.57 -75.55
N GLN B 148 -22.55 1.08 -76.65
CA GLN B 148 -22.13 0.15 -77.67
C GLN B 148 -20.67 -0.30 -77.44
N SER B 149 -20.39 -0.88 -76.23
CA SER B 149 -19.09 -1.41 -75.76
C SER B 149 -19.28 -2.33 -74.53
N THR B 161 -32.42 4.65 -76.79
CA THR B 161 -33.58 5.52 -76.58
C THR B 161 -33.21 6.71 -75.65
N ASP B 162 -33.60 7.95 -76.02
CA ASP B 162 -33.28 9.23 -75.36
C ASP B 162 -33.29 9.26 -73.81
N GLU B 163 -34.29 8.62 -73.18
CA GLU B 163 -34.51 8.57 -71.72
C GLU B 163 -33.62 7.53 -71.03
N THR B 164 -33.32 6.43 -71.75
CA THR B 164 -32.43 5.35 -71.36
C THR B 164 -31.00 5.94 -71.42
N LEU B 165 -30.82 6.91 -72.30
CA LEU B 165 -29.57 7.63 -72.47
C LEU B 165 -29.31 8.64 -71.35
N GLU B 166 -30.39 9.21 -70.75
CA GLU B 166 -30.31 10.15 -69.61
C GLU B 166 -29.89 9.41 -68.34
N TYR B 167 -30.23 8.09 -68.27
CA TYR B 167 -29.86 7.21 -67.15
C TYR B 167 -28.39 6.86 -67.31
N ALA B 168 -27.97 6.43 -68.52
CA ALA B 168 -26.58 6.09 -68.83
C ALA B 168 -25.61 7.30 -68.69
N ALA B 169 -26.13 8.54 -68.82
CA ALA B 169 -25.37 9.79 -68.69
C ALA B 169 -24.87 10.04 -67.27
N GLN B 170 -25.53 9.42 -66.25
CA GLN B 170 -25.16 9.54 -64.83
C GLN B 170 -23.70 9.13 -64.60
N TYR B 171 -23.24 8.10 -65.37
CA TYR B 171 -21.88 7.55 -65.42
C TYR B 171 -20.95 8.64 -65.94
N VAL B 172 -21.23 9.17 -67.15
CA VAL B 172 -20.46 10.23 -67.82
C VAL B 172 -20.26 11.40 -66.86
N LEU B 173 -21.37 11.91 -66.28
CA LEU B 173 -21.40 13.03 -65.34
C LEU B 173 -20.51 12.83 -64.12
N ALA B 174 -20.58 11.66 -63.49
CA ALA B 174 -19.79 11.30 -62.31
C ALA B 174 -18.31 11.17 -62.60
N GLU B 175 -17.89 10.65 -63.80
CA GLU B 175 -16.46 10.49 -64.10
C GLU B 175 -15.80 11.79 -64.56
N LEU B 176 -16.61 12.69 -65.17
CA LEU B 176 -16.19 13.97 -65.73
C LEU B 176 -15.36 14.86 -64.81
N PRO B 177 -15.60 14.99 -63.47
CA PRO B 177 -14.73 15.83 -62.64
C PRO B 177 -13.24 15.50 -62.75
N PHE B 178 -12.89 14.20 -62.88
CA PHE B 178 -11.51 13.71 -63.02
C PHE B 178 -10.88 14.00 -64.37
N PHE B 179 -11.70 14.37 -65.37
CA PHE B 179 -11.26 14.75 -66.72
C PHE B 179 -11.06 16.27 -66.85
N LEU B 180 -11.79 17.06 -66.04
CA LEU B 180 -11.73 18.52 -66.03
C LEU B 180 -10.71 19.11 -65.03
N ASN B 181 -10.70 18.59 -63.79
CA ASN B 181 -9.76 19.04 -62.75
C ASN B 181 -9.66 18.04 -61.60
N ALA B 182 -8.85 17.00 -61.81
CA ALA B 182 -8.65 15.95 -60.83
C ALA B 182 -7.76 16.42 -59.67
N ASN B 183 -6.85 17.38 -59.93
CA ASN B 183 -5.87 17.94 -58.99
C ASN B 183 -6.36 18.20 -57.56
N PRO B 184 -7.44 18.97 -57.27
CA PRO B 184 -7.83 19.17 -55.87
C PRO B 184 -8.53 17.97 -55.20
N ILE B 185 -8.99 17.00 -56.00
CA ILE B 185 -9.69 15.80 -55.54
C ILE B 185 -8.64 14.77 -55.08
N ILE B 186 -7.76 14.33 -55.99
CA ILE B 186 -6.71 13.34 -55.72
C ILE B 186 -5.45 13.98 -55.09
N ASN B 187 -5.47 15.31 -54.95
CA ASN B 187 -4.43 16.15 -54.34
C ASN B 187 -3.09 16.10 -55.11
N THR B 188 -3.10 16.60 -56.37
CA THR B 188 -1.91 16.70 -57.23
C THR B 188 -1.71 18.17 -57.63
N GLN B 189 -0.47 18.52 -58.00
CA GLN B 189 -0.11 19.86 -58.43
C GLN B 189 -0.62 20.02 -59.88
N GLU B 190 -0.14 19.12 -60.76
CA GLU B 190 -0.53 19.05 -62.17
C GLU B 190 -0.61 17.59 -62.62
N THR B 191 -1.68 17.22 -63.31
CA THR B 191 -1.89 15.83 -63.74
C THR B 191 -2.37 15.69 -65.20
N LEU B 192 -2.42 14.44 -65.70
CA LEU B 192 -2.85 14.07 -67.05
C LEU B 192 -3.82 12.90 -67.04
N MET B 193 -4.85 12.90 -67.88
CA MET B 193 -5.75 11.74 -67.95
C MET B 193 -5.39 10.91 -69.21
N ALA B 194 -4.90 9.68 -69.01
CA ALA B 194 -4.46 8.81 -70.11
C ALA B 194 -5.48 7.71 -70.47
N TYR B 195 -6.01 7.77 -71.70
CA TYR B 195 -6.97 6.78 -72.16
C TYR B 195 -6.68 6.42 -73.63
N HIS B 196 -6.72 5.12 -74.00
CA HIS B 196 -6.39 4.57 -75.32
C HIS B 196 -7.16 5.09 -76.59
N ALA B 197 -8.25 5.86 -76.40
CA ALA B 197 -9.11 6.37 -77.47
C ALA B 197 -9.37 7.86 -77.28
N PRO B 198 -9.80 8.61 -78.32
CA PRO B 198 -10.08 10.04 -78.12
C PRO B 198 -11.29 10.26 -77.23
N TRP B 199 -11.50 11.50 -76.84
CA TRP B 199 -12.61 11.84 -75.97
C TRP B 199 -13.25 13.05 -76.59
N GLU B 200 -14.38 12.80 -77.23
CA GLU B 200 -15.14 13.77 -78.05
C GLU B 200 -15.83 14.88 -77.26
N LEU B 201 -16.19 14.66 -75.98
CA LEU B 201 -16.83 15.71 -75.18
C LEU B 201 -15.76 16.71 -74.79
N GLY B 202 -14.55 16.20 -74.54
CA GLY B 202 -13.38 16.99 -74.18
C GLY B 202 -13.07 17.96 -75.27
N THR B 203 -13.00 17.42 -76.49
CA THR B 203 -12.84 18.15 -77.73
C THR B 203 -13.80 19.34 -77.69
N ASN B 204 -15.11 19.08 -77.62
CA ASN B 204 -16.13 20.12 -77.58
C ASN B 204 -15.94 21.11 -76.39
N ILE B 205 -15.51 20.64 -75.18
CA ILE B 205 -15.25 21.50 -73.99
C ILE B 205 -14.09 22.45 -74.29
N ILE B 206 -13.09 21.94 -75.00
CA ILE B 206 -11.88 22.61 -75.47
C ILE B 206 -12.22 23.64 -76.55
N ASN B 207 -13.09 23.29 -77.52
CA ASN B 207 -13.53 24.20 -78.60
C ASN B 207 -14.67 25.10 -78.11
N ASP B 208 -14.52 25.53 -76.82
CA ASP B 208 -15.37 26.38 -75.98
C ASP B 208 -16.84 26.34 -76.40
N GLN B 209 -17.38 25.12 -76.55
CA GLN B 209 -18.76 24.91 -76.94
C GLN B 209 -19.71 24.91 -75.73
N PHE B 210 -19.14 24.85 -74.50
CA PHE B 210 -19.91 24.85 -73.25
C PHE B 210 -19.32 25.77 -72.19
N ASN B 211 -20.06 25.94 -71.06
CA ASN B 211 -19.70 26.77 -69.89
C ASN B 211 -18.78 26.02 -68.91
N LEU B 212 -18.11 24.98 -69.41
CA LEU B 212 -17.16 24.14 -68.69
C LEU B 212 -15.80 24.27 -69.33
N LYS B 213 -14.77 24.18 -68.51
CA LYS B 213 -13.40 24.28 -68.95
C LYS B 213 -12.51 23.26 -68.26
N MET B 214 -11.61 22.65 -69.03
CA MET B 214 -10.64 21.76 -68.45
C MET B 214 -9.52 22.63 -67.85
N ASN B 215 -9.28 22.50 -66.52
CA ASN B 215 -8.28 23.28 -65.78
C ASN B 215 -6.91 23.30 -66.46
N GLU B 216 -6.24 24.46 -66.38
CA GLU B 216 -4.90 24.71 -66.94
C GLU B 216 -3.84 23.68 -66.50
N LYS B 217 -4.02 23.11 -65.27
CA LYS B 217 -3.14 22.13 -64.65
C LYS B 217 -3.64 20.69 -64.88
N GLN B 218 -4.48 20.51 -65.92
CA GLN B 218 -5.04 19.22 -66.32
C GLN B 218 -5.00 19.04 -67.84
N GLY B 219 -4.56 17.86 -68.27
CA GLY B 219 -4.54 17.47 -69.67
C GLY B 219 -5.27 16.16 -69.94
N TYR B 220 -5.26 15.73 -71.21
CA TYR B 220 -5.82 14.46 -71.68
C TYR B 220 -4.93 13.95 -72.81
N ILE B 221 -4.36 12.75 -72.63
CA ILE B 221 -3.49 12.12 -73.63
C ILE B 221 -4.08 10.79 -74.15
N ILE B 222 -3.82 10.48 -75.44
CA ILE B 222 -4.29 9.26 -76.08
C ILE B 222 -3.10 8.32 -76.31
N LEU B 223 -3.16 7.13 -75.69
CA LEU B 223 -2.14 6.09 -75.81
C LEU B 223 -2.52 5.07 -76.88
N THR B 224 -1.97 5.25 -78.10
CA THR B 224 -2.17 4.36 -79.24
C THR B 224 -0.99 3.41 -79.35
N GLU B 225 -1.23 2.10 -79.35
CA GLU B 225 -0.16 1.11 -79.43
C GLU B 225 0.45 1.08 -80.85
N LYS B 226 1.79 0.89 -80.96
CA LYS B 226 2.49 0.92 -82.25
C LYS B 226 2.48 -0.43 -83.01
N GLY B 227 2.57 -0.36 -84.34
CA GLY B 227 2.55 -1.50 -85.25
C GLY B 227 3.64 -2.55 -85.06
N ASN C 3 -25.76 19.02 -5.49
CA ASN C 3 -25.61 17.61 -5.81
C ASN C 3 -24.54 17.36 -6.93
N PHE C 4 -24.11 16.09 -7.04
CA PHE C 4 -23.08 15.56 -7.94
C PHE C 4 -23.59 14.40 -8.79
N LYS C 5 -22.94 14.17 -9.93
CA LYS C 5 -23.15 13.03 -10.81
C LYS C 5 -22.04 12.03 -10.45
N VAL C 6 -22.42 10.82 -10.05
CA VAL C 6 -21.47 9.79 -9.64
C VAL C 6 -21.27 8.72 -10.72
N ASP C 7 -20.00 8.47 -11.11
CA ASP C 7 -19.61 7.45 -12.09
C ASP C 7 -18.83 6.34 -11.37
N PHE C 8 -18.78 5.14 -11.94
CA PHE C 8 -18.16 3.99 -11.29
C PHE C 8 -17.08 3.31 -12.10
N LEU C 9 -16.06 2.81 -11.41
CA LEU C 9 -14.96 2.11 -12.06
C LEU C 9 -15.43 0.71 -12.44
N THR C 10 -16.26 0.06 -11.59
CA THR C 10 -16.85 -1.26 -11.89
C THR C 10 -18.30 -1.33 -11.40
N LYS C 11 -19.04 -2.41 -11.82
CA LYS C 11 -20.40 -2.67 -11.33
C LYS C 11 -20.31 -2.92 -9.82
N ASN C 12 -19.20 -3.57 -9.39
CA ASN C 12 -18.92 -3.87 -7.99
C ASN C 12 -18.82 -2.57 -7.12
N CYS C 13 -18.31 -1.45 -7.66
CA CYS C 13 -18.23 -0.18 -6.93
C CYS C 13 -19.63 0.41 -6.73
N LYS C 14 -20.54 0.23 -7.74
CA LYS C 14 -21.94 0.69 -7.71
C LYS C 14 -22.67 -0.05 -6.60
N GLN C 15 -22.38 -1.36 -6.42
CA GLN C 15 -22.94 -2.20 -5.37
C GLN C 15 -22.59 -1.64 -3.98
N ILE C 16 -21.28 -1.30 -3.73
CA ILE C 16 -20.79 -0.72 -2.46
C ILE C 16 -21.47 0.65 -2.24
N TYR C 17 -21.52 1.46 -3.34
CA TYR C 17 -22.14 2.78 -3.35
C TYR C 17 -23.56 2.71 -2.86
N GLN C 18 -24.37 1.78 -3.43
CA GLN C 18 -25.78 1.52 -3.08
C GLN C 18 -25.94 1.39 -1.57
N ARG C 19 -25.07 0.56 -0.93
CA ARG C 19 -25.03 0.28 0.52
C ARG C 19 -24.77 1.54 1.40
N LYS C 20 -24.05 2.59 0.85
CA LYS C 20 -23.69 3.88 1.48
C LYS C 20 -23.02 3.77 2.86
N LYS C 21 -22.24 2.70 3.09
CA LYS C 21 -21.60 2.50 4.40
C LYS C 21 -20.53 3.55 4.71
N HIS C 22 -19.58 3.77 3.78
CA HIS C 22 -18.46 4.69 3.96
C HIS C 22 -17.84 5.14 2.62
N VAL C 23 -17.34 6.38 2.57
CA VAL C 23 -16.63 6.98 1.43
C VAL C 23 -15.36 7.75 1.90
N ILE C 24 -14.26 7.60 1.13
CA ILE C 24 -13.01 8.32 1.36
C ILE C 24 -13.00 9.50 0.37
N LEU C 25 -12.94 10.72 0.87
CA LEU C 25 -12.89 11.87 -0.01
C LEU C 25 -11.40 12.18 -0.26
N GLY C 26 -10.93 11.98 -1.49
CA GLY C 26 -9.55 12.30 -1.81
C GLY C 26 -9.45 13.79 -2.06
N ILE C 27 -8.48 14.49 -1.43
CA ILE C 27 -8.30 15.93 -1.62
C ILE C 27 -6.87 16.21 -2.05
N SER C 28 -6.74 16.73 -3.28
CA SER C 28 -5.48 17.01 -3.95
C SER C 28 -4.84 18.34 -3.57
N PRO C 29 -3.49 18.35 -3.36
CA PRO C 29 -2.82 19.61 -3.04
C PRO C 29 -2.51 20.42 -4.26
N PHE C 30 -2.46 21.77 -4.09
CA PHE C 30 -2.09 22.78 -5.11
C PHE C 30 -2.96 22.75 -6.37
N THR C 31 -4.11 22.04 -6.33
CA THR C 31 -5.01 21.97 -7.49
C THR C 31 -6.08 23.01 -7.36
N SER C 32 -6.48 23.53 -8.51
CA SER C 32 -7.50 24.57 -8.64
C SER C 32 -8.88 24.09 -8.16
N LYS C 33 -9.22 22.82 -8.44
CA LYS C 33 -10.52 22.23 -8.07
C LYS C 33 -10.75 22.18 -6.55
N TYR C 34 -9.80 21.61 -5.80
CA TYR C 34 -9.90 21.44 -4.35
C TYR C 34 -9.68 22.76 -3.61
N ASN C 35 -10.67 23.65 -3.81
CA ASN C 35 -10.76 24.97 -3.20
C ASN C 35 -11.78 24.88 -2.07
N GLU C 36 -11.70 25.83 -1.13
CA GLU C 36 -12.56 25.99 0.04
C GLU C 36 -14.03 25.77 -0.30
N SER C 37 -14.49 26.30 -1.43
CA SER C 37 -15.87 26.12 -1.91
C SER C 37 -16.19 24.62 -2.20
N TYR C 38 -15.37 23.97 -3.10
CA TYR C 38 -15.49 22.57 -3.52
C TYR C 38 -15.32 21.58 -2.38
N ILE C 39 -14.33 21.82 -1.50
CA ILE C 39 -14.06 20.97 -0.32
C ILE C 39 -15.30 20.90 0.57
N ARG C 40 -15.97 22.07 0.79
CA ARG C 40 -17.21 22.22 1.57
C ARG C 40 -18.33 21.42 0.90
N LYS C 41 -18.46 21.52 -0.44
CA LYS C 41 -19.43 20.76 -1.22
C LYS C 41 -19.29 19.25 -0.99
N ILE C 42 -18.08 18.68 -1.23
CA ILE C 42 -17.80 17.23 -1.11
C ILE C 42 -17.95 16.70 0.32
N ILE C 43 -17.62 17.51 1.37
CA ILE C 43 -17.80 17.11 2.77
C ILE C 43 -19.32 16.99 3.03
N GLN C 44 -20.09 18.07 2.66
CA GLN C 44 -21.55 18.13 2.82
C GLN C 44 -22.22 16.96 2.10
N TRP C 45 -21.71 16.59 0.90
CA TRP C 45 -22.18 15.49 0.05
C TRP C 45 -21.92 14.14 0.73
N ALA C 46 -20.68 13.89 1.16
CA ALA C 46 -20.31 12.66 1.84
C ALA C 46 -21.17 12.51 3.10
N ASN C 47 -21.30 13.59 3.89
CA ASN C 47 -22.07 13.66 5.13
C ASN C 47 -23.55 13.30 4.96
N SER C 48 -24.19 13.87 3.93
CA SER C 48 -25.61 13.69 3.62
C SER C 48 -25.98 12.34 3.08
N ASN C 49 -25.11 11.75 2.25
CA ASN C 49 -25.39 10.48 1.58
C ASN C 49 -24.92 9.23 2.28
N PHE C 50 -23.83 9.31 3.06
CA PHE C 50 -23.21 8.13 3.67
C PHE C 50 -23.35 8.04 5.17
N ASP C 51 -23.21 6.79 5.69
CA ASP C 51 -23.25 6.50 7.13
C ASP C 51 -22.07 7.21 7.79
N ASP C 52 -20.87 7.02 7.23
CA ASP C 52 -19.65 7.68 7.67
C ASP C 52 -18.78 8.02 6.48
N PHE C 53 -17.76 8.87 6.70
CA PHE C 53 -16.78 9.27 5.69
C PHE C 53 -15.44 9.62 6.35
N SER C 54 -14.41 9.71 5.50
CA SER C 54 -13.04 10.01 5.88
C SER C 54 -12.48 10.87 4.78
N ILE C 55 -11.40 11.61 5.12
CA ILE C 55 -10.69 12.42 4.17
C ILE C 55 -9.29 11.84 4.01
N LEU C 56 -8.75 11.89 2.78
CA LEU C 56 -7.38 11.51 2.51
C LEU C 56 -6.71 12.69 1.83
N LEU C 57 -5.72 13.26 2.53
CA LEU C 57 -4.93 14.40 2.12
C LEU C 57 -3.57 13.91 1.61
N ALA C 58 -2.83 14.76 0.87
CA ALA C 58 -1.52 14.39 0.33
C ALA C 58 -0.49 14.05 1.40
N GLY C 59 0.28 12.99 1.15
CA GLY C 59 1.33 12.50 2.05
C GLY C 59 2.60 13.32 1.96
N GLU C 60 3.61 12.93 2.75
CA GLU C 60 4.90 13.62 2.80
C GLU C 60 5.60 13.60 1.43
N GLU C 61 5.42 12.49 0.66
CA GLU C 61 5.99 12.24 -0.67
C GLU C 61 5.49 13.21 -1.77
N SER C 62 4.62 14.18 -1.41
CA SER C 62 4.16 15.18 -2.37
C SER C 62 5.25 16.23 -2.59
N LYS C 63 6.25 16.32 -1.68
CA LYS C 63 7.38 17.25 -1.83
C LYS C 63 8.14 16.91 -3.12
N ASN C 64 8.24 15.58 -3.43
CA ASN C 64 8.89 15.04 -4.62
C ASN C 64 8.32 15.69 -5.89
N LEU C 65 6.99 15.88 -5.95
CA LEU C 65 6.30 16.51 -7.07
C LEU C 65 6.71 17.95 -7.25
N LEU C 66 6.87 18.69 -6.14
CA LEU C 66 7.30 20.09 -6.15
C LEU C 66 8.78 20.18 -6.56
N GLU C 67 9.62 19.22 -6.10
CA GLU C 67 11.05 19.14 -6.45
C GLU C 67 11.24 18.99 -7.97
N CYS C 68 10.36 18.20 -8.61
CA CYS C 68 10.35 17.98 -10.06
C CYS C 68 9.85 19.22 -10.79
N LEU C 69 9.09 20.10 -10.10
CA LEU C 69 8.60 21.36 -10.67
C LEU C 69 9.58 22.50 -10.29
N GLY C 70 10.82 22.13 -9.97
CA GLY C 70 11.88 23.04 -9.63
C GLY C 70 11.71 23.78 -8.32
N TYR C 71 11.74 23.03 -7.18
CA TYR C 71 11.64 23.56 -5.81
C TYR C 71 12.72 22.95 -4.97
N SER C 72 13.31 23.77 -4.07
CA SER C 72 14.34 23.34 -3.11
C SER C 72 13.71 22.33 -2.16
N SER C 73 14.47 21.29 -1.73
CA SER C 73 13.96 20.28 -0.81
C SER C 73 13.28 20.89 0.42
N SER C 74 13.80 22.04 0.90
CA SER C 74 13.24 22.78 2.04
C SER C 74 11.99 23.56 1.62
N LYS C 75 12.03 24.25 0.44
CA LYS C 75 10.93 25.05 -0.14
C LYS C 75 9.71 24.19 -0.40
N ALA C 76 9.94 22.95 -0.87
CA ALA C 76 8.90 21.96 -1.16
C ALA C 76 8.21 21.55 0.15
N ASN C 77 8.98 21.08 1.16
CA ASN C 77 8.46 20.64 2.45
C ASN C 77 7.68 21.75 3.18
N GLN C 78 8.07 23.02 2.94
CA GLN C 78 7.40 24.19 3.50
C GLN C 78 6.05 24.40 2.81
N LYS C 79 6.00 24.35 1.45
CA LYS C 79 4.78 24.50 0.65
C LYS C 79 3.76 23.38 0.93
N VAL C 80 4.26 22.14 1.15
CA VAL C 80 3.49 20.95 1.49
C VAL C 80 2.80 21.21 2.82
N ARG C 81 3.59 21.54 3.87
CA ARG C 81 3.10 21.81 5.25
C ARG C 81 2.04 22.88 5.26
N LYS C 82 2.30 23.99 4.55
CA LYS C 82 1.40 25.16 4.48
C LYS C 82 0.07 24.78 3.89
N GLU C 83 0.06 24.00 2.80
CA GLU C 83 -1.13 23.56 2.10
C GLU C 83 -1.94 22.59 2.97
N ILE C 84 -1.31 21.52 3.47
CA ILE C 84 -1.97 20.49 4.29
C ILE C 84 -2.62 21.12 5.52
N LYS C 85 -1.93 22.05 6.23
CA LYS C 85 -2.48 22.73 7.40
C LYS C 85 -3.71 23.56 7.02
N ARG C 86 -3.65 24.23 5.85
CA ARG C 86 -4.74 25.04 5.27
C ARG C 86 -5.95 24.13 4.94
N GLN C 87 -5.70 22.96 4.29
CA GLN C 87 -6.76 22.00 3.94
C GLN C 87 -7.37 21.43 5.22
N ILE C 88 -6.52 21.02 6.21
CA ILE C 88 -6.97 20.51 7.52
C ILE C 88 -7.92 21.50 8.19
N ARG C 89 -7.54 22.78 8.24
CA ARG C 89 -8.36 23.82 8.85
C ARG C 89 -9.74 23.99 8.15
N PHE C 90 -9.83 23.89 6.78
CA PHE C 90 -11.17 23.96 6.11
C PHE C 90 -12.02 22.72 6.39
N CYS C 91 -11.38 21.55 6.35
CA CYS C 91 -12.01 20.27 6.55
C CYS C 91 -12.52 20.13 7.96
N GLU C 92 -11.73 20.60 8.94
CA GLU C 92 -12.10 20.60 10.34
C GLU C 92 -13.25 21.54 10.63
N ASP C 93 -13.41 22.58 9.82
CA ASP C 93 -14.50 23.53 9.99
C ASP C 93 -15.79 22.99 9.45
N GLU C 94 -15.74 22.32 8.29
CA GLU C 94 -16.91 21.73 7.65
C GLU C 94 -17.46 20.52 8.37
N ILE C 95 -16.57 19.63 8.89
CA ILE C 95 -16.93 18.43 9.67
C ILE C 95 -17.68 18.89 10.93
N ILE C 96 -17.22 19.99 11.54
CA ILE C 96 -17.85 20.56 12.72
C ILE C 96 -19.27 21.06 12.39
N LYS C 97 -19.45 21.79 11.26
CA LYS C 97 -20.74 22.26 10.75
C LYS C 97 -21.70 21.07 10.51
N CYS C 98 -21.13 19.85 10.32
CA CYS C 98 -21.88 18.61 10.12
C CYS C 98 -22.21 17.91 11.44
N ASN C 99 -21.81 18.53 12.58
CA ASN C 99 -21.97 18.03 13.93
C ASN C 99 -21.31 16.67 14.05
N LYS C 100 -20.14 16.56 13.39
CA LYS C 100 -19.30 15.36 13.30
C LYS C 100 -17.97 15.65 14.00
N THR C 101 -17.35 14.62 14.61
CA THR C 101 -16.05 14.77 15.28
C THR C 101 -14.93 14.66 14.24
N ILE C 102 -13.85 15.40 14.44
CA ILE C 102 -12.71 15.42 13.55
C ILE C 102 -11.79 14.23 13.80
N THR C 103 -11.75 13.74 15.07
CA THR C 103 -10.85 12.67 15.52
C THR C 103 -11.00 11.42 14.68
N ASN C 104 -9.90 11.10 13.98
CA ASN C 104 -9.62 9.98 13.08
C ASN C 104 -10.40 10.03 11.78
N ARG C 105 -10.94 11.20 11.43
CA ARG C 105 -11.67 11.45 10.19
C ARG C 105 -10.68 11.82 9.06
N ILE C 106 -9.68 12.71 9.34
CA ILE C 106 -8.69 13.20 8.35
C ILE C 106 -7.35 12.50 8.50
N HIS C 107 -6.83 12.00 7.37
CA HIS C 107 -5.57 11.29 7.23
C HIS C 107 -4.83 11.80 5.99
N ARG C 108 -3.53 11.49 5.92
CA ARG C 108 -2.62 11.74 4.80
C ARG C 108 -2.08 10.37 4.47
N PHE C 109 -1.72 10.07 3.21
CA PHE C 109 -1.27 8.71 2.92
C PHE C 109 -0.02 8.28 3.69
N SER C 110 0.86 9.25 4.02
CA SER C 110 2.09 9.04 4.77
C SER C 110 1.86 8.69 6.27
N ASP C 111 0.70 9.08 6.88
CA ASP C 111 0.33 8.79 8.28
C ASP C 111 0.43 7.32 8.73
N PHE C 112 0.37 6.36 7.79
CA PHE C 112 0.38 4.96 8.16
C PHE C 112 1.68 4.23 7.83
N LYS C 113 2.79 5.01 7.75
CA LYS C 113 4.15 4.56 7.52
C LYS C 113 4.51 3.36 8.43
N ASN C 114 4.10 3.40 9.71
CA ASN C 114 4.44 2.33 10.64
C ASN C 114 3.25 1.39 10.94
N ASN C 115 2.27 1.33 10.03
CA ASN C 115 1.09 0.46 10.13
C ASN C 115 1.41 -0.86 9.39
N ILE C 116 1.29 -1.99 10.08
CA ILE C 116 1.58 -3.31 9.52
C ILE C 116 0.82 -3.58 8.20
N TYR C 117 -0.47 -3.18 8.12
CA TYR C 117 -1.29 -3.36 6.92
C TYR C 117 -0.86 -2.48 5.75
N TYR C 118 -0.46 -1.23 6.02
CA TYR C 118 0.02 -0.34 4.98
C TYR C 118 1.39 -0.82 4.51
N ILE C 119 2.27 -1.22 5.48
CA ILE C 119 3.61 -1.76 5.24
C ILE C 119 3.57 -2.96 4.25
N ASP C 120 2.63 -3.90 4.50
CA ASP C 120 2.42 -5.09 3.68
C ASP C 120 2.01 -4.73 2.26
N ILE C 121 0.91 -3.94 2.11
CA ILE C 121 0.38 -3.49 0.82
C ILE C 121 1.44 -2.71 0.03
N TYR C 122 2.08 -1.69 0.65
CA TYR C 122 3.14 -0.89 0.03
C TYR C 122 4.28 -1.75 -0.50
N LYS C 123 4.74 -2.77 0.29
CA LYS C 123 5.80 -3.70 -0.10
C LYS C 123 5.38 -4.40 -1.41
N THR C 124 4.16 -4.98 -1.42
CA THR C 124 3.54 -5.63 -2.57
C THR C 124 3.56 -4.69 -3.79
N ILE C 125 3.05 -3.44 -3.62
CA ILE C 125 3.04 -2.42 -4.67
C ILE C 125 4.47 -2.13 -5.21
N VAL C 126 5.46 -2.00 -4.32
CA VAL C 126 6.86 -1.73 -4.72
C VAL C 126 7.48 -2.95 -5.42
N ASP C 127 7.20 -4.18 -4.95
CA ASP C 127 7.70 -5.40 -5.57
C ASP C 127 7.31 -5.46 -7.05
N GLN C 128 6.00 -5.23 -7.35
CA GLN C 128 5.47 -5.19 -8.72
C GLN C 128 6.10 -4.05 -9.52
N PHE C 129 6.31 -2.88 -8.87
CA PHE C 129 6.91 -1.73 -9.52
C PHE C 129 8.30 -2.05 -10.04
N ASN C 130 9.07 -2.87 -9.31
CA ASN C 130 10.42 -3.26 -9.69
C ASN C 130 10.45 -4.46 -10.65
N THR C 131 9.58 -5.47 -10.41
CA THR C 131 9.48 -6.67 -11.24
C THR C 131 8.71 -6.37 -12.55
N ASP C 132 7.36 -6.17 -12.47
CA ASP C 132 6.50 -5.85 -13.63
C ASP C 132 6.86 -4.51 -14.30
N SER C 133 7.31 -4.58 -15.55
CA SER C 133 7.77 -3.45 -16.37
C SER C 133 6.60 -2.59 -16.86
N ASN C 134 5.46 -3.26 -17.17
CA ASN C 134 4.22 -2.63 -17.63
C ASN C 134 3.64 -1.74 -16.51
N PHE C 135 3.59 -2.27 -15.27
CA PHE C 135 3.10 -1.57 -14.10
C PHE C 135 3.95 -0.35 -13.84
N LYS C 136 5.30 -0.49 -13.88
CA LYS C 136 6.23 0.61 -13.68
C LYS C 136 5.88 1.78 -14.61
N ASN C 137 5.66 1.48 -15.92
CA ASN C 137 5.28 2.45 -16.94
C ASN C 137 3.95 3.12 -16.57
N SER C 138 2.91 2.32 -16.23
CA SER C 138 1.60 2.82 -15.81
C SER C 138 1.72 3.83 -14.64
N CYS C 139 2.61 3.55 -13.68
CA CYS C 139 2.88 4.45 -12.56
C CYS C 139 3.52 5.74 -13.04
N LEU C 140 4.46 5.63 -14.01
CA LEU C 140 5.18 6.77 -14.58
C LEU C 140 4.27 7.72 -15.35
N LYS C 141 3.21 7.16 -15.96
CA LYS C 141 2.18 7.89 -16.69
C LYS C 141 1.38 8.72 -15.69
N MET C 142 1.02 8.06 -14.57
CA MET C 142 0.28 8.63 -13.46
C MET C 142 1.08 9.78 -12.89
N SER C 143 2.37 9.54 -12.53
CA SER C 143 3.26 10.60 -12.02
C SER C 143 3.39 11.79 -13.01
N LEU C 144 3.47 11.52 -14.32
CA LEU C 144 3.54 12.55 -15.36
C LEU C 144 2.27 13.43 -15.34
N GLN C 145 1.09 12.80 -15.16
CA GLN C 145 -0.16 13.55 -15.09
C GLN C 145 -0.28 14.37 -13.80
N ALA C 146 0.31 13.85 -12.70
CA ALA C 146 0.35 14.48 -11.38
C ALA C 146 1.16 15.78 -11.47
N LEU C 147 2.27 15.76 -12.25
CA LEU C 147 3.13 16.93 -12.49
C LEU C 147 2.41 17.99 -13.31
N GLN C 148 1.64 17.56 -14.35
CA GLN C 148 0.81 18.40 -15.24
C GLN C 148 -0.24 19.17 -14.43
N SER C 149 -0.86 18.49 -13.42
CA SER C 149 -1.95 18.99 -12.57
C SER C 149 -1.53 20.03 -11.50
N LYS C 150 -0.38 19.84 -10.83
CA LYS C 150 0.09 20.74 -9.78
C LYS C 150 1.15 21.72 -10.30
N GLU C 159 10.40 20.18 -17.54
CA GLU C 159 11.38 19.13 -17.87
C GLU C 159 11.00 17.75 -17.31
N ILE C 160 10.73 16.79 -18.20
CA ILE C 160 10.39 15.40 -17.87
C ILE C 160 11.40 14.42 -18.46
N THR C 161 11.83 13.44 -17.67
CA THR C 161 12.76 12.36 -18.03
C THR C 161 12.41 11.12 -17.19
N ASP C 162 12.84 9.93 -17.63
CA ASP C 162 12.60 8.66 -16.92
C ASP C 162 12.97 8.71 -15.42
N GLU C 163 14.10 9.36 -15.06
CA GLU C 163 14.55 9.50 -13.66
C GLU C 163 13.71 10.48 -12.83
N THR C 164 13.27 11.61 -13.44
CA THR C 164 12.44 12.62 -12.75
C THR C 164 11.11 11.94 -12.42
N LEU C 165 10.55 11.21 -13.39
CA LEU C 165 9.30 10.46 -13.23
C LEU C 165 9.40 9.31 -12.22
N GLU C 166 10.58 8.66 -12.06
CA GLU C 166 10.79 7.57 -11.08
C GLU C 166 10.74 8.18 -9.67
N TYR C 167 11.14 9.47 -9.56
CA TYR C 167 11.13 10.23 -8.32
C TYR C 167 9.70 10.59 -7.96
N ALA C 168 8.96 11.19 -8.92
CA ALA C 168 7.56 11.58 -8.77
C ALA C 168 6.62 10.35 -8.51
N ALA C 169 7.05 9.13 -8.94
CA ALA C 169 6.30 7.88 -8.77
C ALA C 169 6.21 7.45 -7.30
N GLN C 170 7.15 7.92 -6.45
CA GLN C 170 7.19 7.63 -5.00
C GLN C 170 5.86 8.02 -4.34
N TYR C 171 5.25 9.13 -4.82
CA TYR C 171 3.97 9.70 -4.40
C TYR C 171 2.86 8.70 -4.78
N VAL C 172 2.79 8.32 -6.08
CA VAL C 172 1.81 7.39 -6.64
C VAL C 172 1.82 6.10 -5.81
N LEU C 173 3.02 5.50 -5.63
CA LEU C 173 3.23 4.25 -4.91
C LEU C 173 2.72 4.33 -3.48
N ALA C 174 2.99 5.47 -2.80
CA ALA C 174 2.59 5.73 -1.41
C ALA C 174 1.08 5.89 -1.22
N GLU C 175 0.36 6.50 -2.19
CA GLU C 175 -1.08 6.69 -2.07
C GLU C 175 -1.87 5.46 -2.49
N LEU C 176 -1.30 4.64 -3.38
CA LEU C 176 -1.90 3.45 -3.95
C LEU C 176 -2.50 2.45 -2.91
N PRO C 177 -1.89 2.16 -1.72
CA PRO C 177 -2.53 1.23 -0.79
C PRO C 177 -4.00 1.58 -0.45
N PHE C 178 -4.29 2.89 -0.27
CA PHE C 178 -5.61 3.48 0.00
C PHE C 178 -6.61 3.41 -1.18
N PHE C 179 -6.15 3.07 -2.39
CA PHE C 179 -6.96 2.87 -3.61
C PHE C 179 -7.28 1.39 -3.84
N LEU C 180 -6.31 0.49 -3.49
CA LEU C 180 -6.47 -0.95 -3.65
C LEU C 180 -7.29 -1.55 -2.50
N ASN C 181 -6.94 -1.21 -1.21
CA ASN C 181 -7.57 -1.70 0.03
C ASN C 181 -7.19 -0.82 1.26
N ALA C 182 -8.07 0.11 1.58
CA ALA C 182 -7.91 1.04 2.71
C ALA C 182 -8.48 0.49 3.97
N ASN C 183 -9.49 -0.38 3.85
CA ASN C 183 -10.22 -1.03 4.94
C ASN C 183 -9.36 -1.48 6.10
N PRO C 184 -8.27 -2.27 5.96
CA PRO C 184 -7.52 -2.65 7.16
C PRO C 184 -6.61 -1.56 7.75
N ILE C 185 -6.29 -0.53 6.94
CA ILE C 185 -5.44 0.61 7.33
C ILE C 185 -6.27 1.61 8.15
N ILE C 186 -7.34 2.17 7.55
CA ILE C 186 -8.25 3.12 8.21
C ILE C 186 -9.31 2.44 9.08
N ASN C 187 -9.33 1.10 9.07
CA ASN C 187 -10.25 0.26 9.84
C ASN C 187 -11.75 0.45 9.49
N THR C 188 -12.12 0.11 8.24
CA THR C 188 -13.51 0.13 7.73
C THR C 188 -13.90 -1.27 7.24
N GLN C 189 -15.22 -1.58 7.21
CA GLN C 189 -15.76 -2.85 6.72
C GLN C 189 -15.63 -2.85 5.19
N GLU C 190 -16.17 -1.77 4.54
CA GLU C 190 -16.12 -1.52 3.10
C GLU C 190 -16.06 0.00 2.88
N THR C 191 -15.39 0.42 1.80
CA THR C 191 -15.29 1.84 1.47
C THR C 191 -15.21 2.09 -0.08
N LEU C 192 -15.17 3.37 -0.48
CA LEU C 192 -15.00 3.83 -1.87
C LEU C 192 -14.04 5.00 -1.79
N MET C 193 -13.22 5.16 -2.81
CA MET C 193 -12.34 6.31 -2.91
C MET C 193 -13.01 7.26 -3.93
N ALA C 194 -13.50 8.42 -3.46
CA ALA C 194 -14.17 9.40 -4.31
C ALA C 194 -13.24 10.54 -4.78
N TYR C 195 -13.13 10.70 -6.10
CA TYR C 195 -12.32 11.72 -6.72
C TYR C 195 -13.07 12.37 -7.90
N HIS C 196 -12.58 13.49 -8.46
CA HIS C 196 -13.25 14.23 -9.53
C HIS C 196 -12.95 13.78 -10.97
N ALA C 197 -11.88 13.02 -11.14
CA ALA C 197 -11.40 12.58 -12.44
C ALA C 197 -11.26 11.07 -12.51
N PRO C 198 -11.24 10.43 -13.71
CA PRO C 198 -11.02 8.98 -13.77
C PRO C 198 -9.58 8.62 -13.34
N TRP C 199 -9.32 7.31 -13.17
CA TRP C 199 -8.03 6.80 -12.73
C TRP C 199 -7.61 5.68 -13.68
N GLU C 200 -6.74 6.03 -14.65
CA GLU C 200 -6.25 5.13 -15.71
C GLU C 200 -5.54 3.89 -15.17
N LEU C 201 -4.75 4.02 -14.07
CA LEU C 201 -4.06 2.87 -13.46
C LEU C 201 -5.09 1.86 -12.98
N GLY C 202 -6.15 2.35 -12.35
CA GLY C 202 -7.22 1.53 -11.79
C GLY C 202 -8.08 0.86 -12.84
N THR C 203 -8.12 1.43 -14.05
CA THR C 203 -8.84 0.82 -15.17
C THR C 203 -8.07 -0.45 -15.53
N ASN C 204 -6.73 -0.33 -15.64
CA ASN C 204 -5.79 -1.40 -15.94
C ASN C 204 -5.73 -2.47 -14.83
N ILE C 205 -5.84 -2.05 -13.56
CA ILE C 205 -5.85 -2.97 -12.41
C ILE C 205 -7.07 -3.89 -12.54
N ILE C 206 -8.23 -3.27 -12.81
CA ILE C 206 -9.56 -3.85 -12.97
C ILE C 206 -9.66 -4.75 -14.22
N ASN C 207 -8.83 -4.47 -15.26
CA ASN C 207 -8.79 -5.29 -16.48
C ASN C 207 -7.66 -6.36 -16.35
N ASP C 208 -7.36 -6.77 -15.08
CA ASP C 208 -6.37 -7.75 -14.65
C ASP C 208 -5.06 -7.67 -15.44
N GLN C 209 -4.53 -6.46 -15.62
CA GLN C 209 -3.32 -6.24 -16.39
C GLN C 209 -2.05 -6.35 -15.55
N PHE C 210 -2.21 -6.43 -14.21
CA PHE C 210 -1.08 -6.57 -13.29
C PHE C 210 -1.33 -7.65 -12.23
N ASN C 211 -0.28 -7.91 -11.38
CA ASN C 211 -0.30 -8.89 -10.29
C ASN C 211 -0.86 -8.30 -9.00
N LEU C 212 -1.65 -7.20 -9.12
CA LEU C 212 -2.31 -6.46 -8.04
C LEU C 212 -3.81 -6.47 -8.29
N LYS C 213 -4.57 -6.44 -7.22
CA LYS C 213 -6.03 -6.44 -7.30
C LYS C 213 -6.65 -5.46 -6.31
N MET C 214 -7.68 -4.72 -6.76
CA MET C 214 -8.41 -3.84 -5.88
C MET C 214 -9.38 -4.71 -5.06
N ASN C 215 -9.27 -4.68 -3.72
CA ASN C 215 -10.10 -5.47 -2.81
C ASN C 215 -11.59 -5.36 -3.10
N GLU C 216 -12.27 -6.50 -2.99
CA GLU C 216 -13.71 -6.68 -3.20
C GLU C 216 -14.58 -5.72 -2.37
N LYS C 217 -14.07 -5.29 -1.19
CA LYS C 217 -14.71 -4.37 -0.25
C LYS C 217 -14.21 -2.92 -0.42
N GLN C 218 -13.66 -2.59 -1.62
CA GLN C 218 -13.14 -1.26 -1.96
C GLN C 218 -13.49 -0.93 -3.42
N GLY C 219 -14.00 0.28 -3.64
CA GLY C 219 -14.32 0.79 -4.97
C GLY C 219 -13.63 2.10 -5.30
N TYR C 220 -14.02 2.69 -6.42
CA TYR C 220 -13.54 3.99 -6.87
C TYR C 220 -14.69 4.68 -7.64
N ILE C 221 -15.10 5.87 -7.18
CA ILE C 221 -16.17 6.64 -7.83
C ILE C 221 -15.64 8.01 -8.34
N ILE C 222 -16.23 8.50 -9.43
CA ILE C 222 -15.91 9.79 -10.04
C ILE C 222 -17.07 10.79 -9.82
N LEU C 223 -16.78 11.90 -9.12
CA LEU C 223 -17.74 12.97 -8.80
C LEU C 223 -17.66 14.15 -9.75
N THR C 224 -18.77 14.43 -10.45
CA THR C 224 -18.84 15.57 -11.34
C THR C 224 -20.00 16.48 -10.90
N GLU C 225 -19.70 17.78 -10.66
CA GLU C 225 -20.66 18.81 -10.23
C GLU C 225 -21.77 19.05 -11.25
N LYS C 226 -22.92 19.53 -10.76
CA LYS C 226 -24.05 19.80 -11.61
C LYS C 226 -24.16 21.31 -12.01
N GLY C 227 -24.69 21.55 -13.21
CA GLY C 227 -24.88 22.89 -13.78
C GLY C 227 -26.34 23.23 -14.01
N ASN D 3 24.59 -6.19 49.88
CA ASN D 3 23.98 -5.68 51.11
C ASN D 3 22.40 -5.69 51.03
N PHE D 4 21.75 -4.56 50.59
CA PHE D 4 20.30 -4.27 50.39
C PHE D 4 20.29 -2.92 49.61
N LYS D 5 19.35 -2.73 48.65
CA LYS D 5 19.31 -1.49 47.87
C LYS D 5 18.34 -0.53 48.54
N VAL D 6 18.85 0.66 48.88
CA VAL D 6 18.09 1.69 49.58
C VAL D 6 17.60 2.81 48.66
N ASP D 7 16.28 3.07 48.62
CA ASP D 7 15.65 4.14 47.85
C ASP D 7 15.08 5.19 48.79
N PHE D 8 14.88 6.44 48.33
CA PHE D 8 14.45 7.55 49.20
C PHE D 8 13.20 8.24 48.74
N LEU D 9 12.37 8.66 49.69
CA LEU D 9 11.12 9.38 49.38
C LEU D 9 11.46 10.83 48.99
N THR D 10 12.46 11.43 49.68
CA THR D 10 12.93 12.79 49.40
C THR D 10 14.46 12.84 49.51
N LYS D 11 15.06 14.00 49.10
CA LYS D 11 16.49 14.31 49.24
C LYS D 11 16.82 14.37 50.74
N ASN D 12 15.89 14.95 51.55
CA ASN D 12 15.99 15.06 53.00
C ASN D 12 16.16 13.69 53.68
N CYS D 13 15.43 12.66 53.16
CA CYS D 13 15.46 11.25 53.61
C CYS D 13 16.89 10.68 53.43
N LYS D 14 17.58 11.08 52.33
CA LYS D 14 18.96 10.67 52.02
C LYS D 14 19.91 11.35 52.99
N GLN D 15 19.66 12.65 53.33
CA GLN D 15 20.46 13.43 54.28
C GLN D 15 20.44 12.76 55.65
N ILE D 16 19.23 12.40 56.13
CA ILE D 16 19.03 11.73 57.42
C ILE D 16 19.74 10.36 57.36
N TYR D 17 19.53 9.58 56.26
CA TYR D 17 20.14 8.27 56.04
C TYR D 17 21.65 8.35 56.19
N GLN D 18 22.29 9.33 55.53
CA GLN D 18 23.74 9.59 55.57
C GLN D 18 24.26 9.62 57.01
N ARG D 19 23.56 10.38 57.90
CA ARG D 19 23.87 10.54 59.33
C ARG D 19 23.83 9.21 60.13
N LYS D 20 23.02 8.20 59.70
CA LYS D 20 22.85 6.85 60.28
C LYS D 20 22.54 6.82 61.80
N LYS D 21 21.80 7.86 62.30
CA LYS D 21 21.46 7.94 63.71
C LYS D 21 20.51 6.84 64.19
N HIS D 22 19.36 6.67 63.50
CA HIS D 22 18.32 5.70 63.87
C HIS D 22 17.40 5.32 62.68
N VAL D 23 16.89 4.07 62.69
CA VAL D 23 15.94 3.56 61.70
C VAL D 23 14.79 2.73 62.36
N ILE D 24 13.54 2.94 61.89
CA ILE D 24 12.40 2.16 62.34
C ILE D 24 12.14 1.09 61.29
N LEU D 25 12.22 -0.18 61.65
CA LEU D 25 11.96 -1.25 60.69
C LEU D 25 10.51 -1.58 60.80
N GLY D 26 9.75 -1.28 59.75
CA GLY D 26 8.33 -1.61 59.73
C GLY D 26 8.19 -3.07 59.38
N ILE D 27 7.40 -3.85 60.17
CA ILE D 27 7.18 -5.28 59.90
C ILE D 27 5.68 -5.54 59.79
N SER D 28 5.26 -5.96 58.59
CA SER D 28 3.88 -6.21 58.21
C SER D 28 3.35 -7.58 58.59
N PRO D 29 2.10 -7.62 59.14
CA PRO D 29 1.51 -8.92 59.49
C PRO D 29 0.90 -9.62 58.28
N PHE D 30 0.89 -10.96 58.32
CA PHE D 30 0.27 -11.85 57.32
C PHE D 30 0.79 -11.68 55.88
N THR D 31 1.95 -10.99 55.73
CA THR D 31 2.57 -10.80 54.43
C THR D 31 3.64 -11.86 54.22
N SER D 32 3.75 -12.30 52.98
CA SER D 32 4.70 -13.32 52.53
C SER D 32 6.15 -12.87 52.72
N LYS D 33 6.46 -11.56 52.48
CA LYS D 33 7.81 -10.99 52.60
C LYS D 33 8.38 -11.07 54.03
N TYR D 34 7.63 -10.58 55.03
CA TYR D 34 8.08 -10.53 56.42
C TYR D 34 8.02 -11.92 57.07
N ASN D 35 8.91 -12.79 56.57
CA ASN D 35 9.12 -14.17 57.00
C ASN D 35 10.37 -14.21 57.83
N GLU D 36 10.52 -15.27 58.66
CA GLU D 36 11.65 -15.50 59.56
C GLU D 36 13.00 -15.17 58.92
N SER D 37 13.20 -15.54 57.64
CA SER D 37 14.43 -15.26 56.90
C SER D 37 14.65 -13.73 56.68
N TYR D 38 13.66 -13.03 56.02
CA TYR D 38 13.69 -11.58 55.73
C TYR D 38 13.70 -10.73 57.00
N ILE D 39 12.96 -11.15 58.05
CA ILE D 39 12.94 -10.42 59.33
C ILE D 39 14.36 -10.35 59.91
N ARG D 40 15.08 -11.51 59.89
CA ARG D 40 16.46 -11.68 60.38
C ARG D 40 17.42 -10.80 59.59
N LYS D 41 17.24 -10.74 58.25
CA LYS D 41 18.05 -9.94 57.32
C LYS D 41 17.97 -8.43 57.67
N ILE D 42 16.75 -7.89 57.86
CA ILE D 42 16.54 -6.48 58.14
C ILE D 42 17.02 -6.08 59.53
N ILE D 43 16.96 -7.01 60.50
CA ILE D 43 17.46 -6.76 61.86
C ILE D 43 18.99 -6.67 61.79
N GLN D 44 19.63 -7.62 61.05
CA GLN D 44 21.08 -7.62 60.85
C GLN D 44 21.53 -6.34 60.16
N TRP D 45 20.81 -5.94 59.08
CA TRP D 45 21.07 -4.75 58.29
C TRP D 45 20.95 -3.47 59.10
N ALA D 46 19.86 -3.29 59.88
CA ALA D 46 19.64 -2.07 60.66
C ALA D 46 20.73 -1.90 61.72
N ASN D 47 21.05 -3.01 62.41
CA ASN D 47 22.06 -3.11 63.45
C ASN D 47 23.44 -2.70 62.89
N SER D 48 23.83 -3.28 61.71
CA SER D 48 25.12 -3.07 61.06
C SER D 48 25.40 -1.67 60.55
N ASN D 49 24.37 -1.02 60.01
CA ASN D 49 24.51 0.30 59.41
C ASN D 49 24.22 1.48 60.31
N PHE D 50 23.37 1.32 61.32
CA PHE D 50 22.92 2.43 62.17
C PHE D 50 23.40 2.40 63.61
N ASP D 51 23.37 3.59 64.25
CA ASP D 51 23.75 3.77 65.66
C ASP D 51 22.78 2.99 66.52
N ASP D 52 21.47 3.18 66.27
CA ASP D 52 20.38 2.46 66.92
C ASP D 52 19.26 2.19 65.92
N PHE D 53 18.31 1.32 66.31
CA PHE D 53 17.14 0.96 65.54
C PHE D 53 16.00 0.52 66.46
N SER D 54 14.79 0.50 65.91
CA SER D 54 13.54 0.14 66.55
C SER D 54 12.73 -0.67 65.54
N ILE D 55 11.75 -1.44 66.04
CA ILE D 55 10.87 -2.24 65.18
C ILE D 55 9.40 -1.87 65.43
N LEU D 56 8.70 -1.35 64.42
CA LEU D 56 7.27 -1.09 64.57
C LEU D 56 6.51 -2.25 63.94
N LEU D 57 5.73 -2.97 64.77
CA LEU D 57 4.88 -4.12 64.44
C LEU D 57 3.43 -3.62 64.34
N ALA D 58 2.54 -4.40 63.69
CA ALA D 58 1.14 -3.98 63.53
C ALA D 58 0.40 -3.77 64.84
N GLY D 59 -0.42 -2.73 64.90
CA GLY D 59 -1.23 -2.38 66.06
C GLY D 59 -2.46 -3.26 66.20
N GLU D 60 -3.27 -2.98 67.23
CA GLU D 60 -4.52 -3.70 67.51
C GLU D 60 -5.51 -3.59 66.32
N GLU D 61 -5.53 -2.40 65.67
CA GLU D 61 -6.36 -1.99 64.55
C GLU D 61 -6.18 -2.83 63.28
N SER D 62 -5.16 -3.71 63.25
CA SER D 62 -4.94 -4.64 62.13
C SER D 62 -6.08 -5.66 62.03
N LYS D 63 -6.79 -5.92 63.16
CA LYS D 63 -7.92 -6.85 63.24
C LYS D 63 -9.02 -6.47 62.26
N ASN D 64 -9.29 -5.12 62.07
CA ASN D 64 -10.23 -4.50 61.14
C ASN D 64 -9.99 -5.01 59.72
N LEU D 65 -8.71 -5.15 59.31
CA LEU D 65 -8.33 -5.65 57.99
C LEU D 65 -8.79 -7.10 57.79
N LEU D 66 -8.70 -7.95 58.86
CA LEU D 66 -9.13 -9.34 58.81
C LEU D 66 -10.66 -9.42 58.75
N GLU D 67 -11.35 -8.53 59.49
CA GLU D 67 -12.81 -8.42 59.51
C GLU D 67 -13.37 -8.12 58.10
N CYS D 68 -12.65 -7.26 57.34
CA CYS D 68 -12.98 -6.90 55.97
C CYS D 68 -12.67 -8.08 55.02
N LEU D 69 -11.77 -9.00 55.42
CA LEU D 69 -11.45 -10.19 54.64
C LEU D 69 -12.33 -11.38 55.11
N GLY D 70 -13.46 -11.04 55.76
CA GLY D 70 -14.44 -11.99 56.27
C GLY D 70 -13.98 -12.86 57.42
N TYR D 71 -13.71 -12.23 58.60
CA TYR D 71 -13.29 -12.89 59.83
C TYR D 71 -14.13 -12.38 60.97
N SER D 72 -14.47 -13.28 61.91
CA SER D 72 -15.24 -12.93 63.11
C SER D 72 -14.35 -12.04 63.98
N SER D 73 -14.95 -11.07 64.68
CA SER D 73 -14.20 -10.17 65.55
C SER D 73 -13.27 -10.92 66.50
N SER D 74 -13.67 -12.13 66.97
CA SER D 74 -12.88 -12.98 67.85
C SER D 74 -11.74 -13.68 67.08
N LYS D 75 -12.03 -14.30 65.92
CA LYS D 75 -11.00 -15.00 65.13
C LYS D 75 -10.02 -14.01 64.48
N ALA D 76 -10.41 -12.72 64.42
CA ALA D 76 -9.58 -11.63 63.89
C ALA D 76 -8.52 -11.30 64.94
N ASN D 77 -8.97 -11.07 66.19
CA ASN D 77 -8.12 -10.75 67.35
C ASN D 77 -7.22 -11.91 67.74
N GLN D 78 -7.63 -13.17 67.47
CA GLN D 78 -6.84 -14.37 67.74
C GLN D 78 -5.69 -14.48 66.73
N LYS D 79 -5.98 -14.31 65.42
CA LYS D 79 -4.98 -14.36 64.33
C LYS D 79 -3.93 -13.23 64.47
N VAL D 80 -4.36 -12.02 64.90
CA VAL D 80 -3.51 -10.84 65.12
C VAL D 80 -2.54 -11.14 66.26
N ARG D 81 -3.06 -11.62 67.41
CA ARG D 81 -2.29 -11.95 68.59
C ARG D 81 -1.24 -13.00 68.28
N LYS D 82 -1.64 -14.07 67.57
CA LYS D 82 -0.79 -15.21 67.20
C LYS D 82 0.38 -14.75 66.35
N GLU D 83 0.10 -13.87 65.36
CA GLU D 83 1.10 -13.32 64.44
C GLU D 83 2.08 -12.42 65.18
N ILE D 84 1.57 -11.41 65.90
CA ILE D 84 2.42 -10.45 66.63
C ILE D 84 3.33 -11.16 67.63
N LYS D 85 2.82 -12.16 68.38
CA LYS D 85 3.64 -12.94 69.32
C LYS D 85 4.78 -13.70 68.60
N ARG D 86 4.45 -14.28 67.43
CA ARG D 86 5.38 -14.99 66.56
C ARG D 86 6.46 -14.00 66.06
N GLN D 87 6.04 -12.80 65.63
CA GLN D 87 6.92 -11.75 65.13
C GLN D 87 7.85 -11.29 66.23
N ILE D 88 7.28 -11.02 67.45
CA ILE D 88 8.04 -10.62 68.65
C ILE D 88 9.14 -11.63 68.98
N ARG D 89 8.78 -12.91 69.01
CA ARG D 89 9.73 -14.00 69.31
C ARG D 89 10.89 -14.06 68.30
N PHE D 90 10.62 -13.89 66.98
CA PHE D 90 11.69 -13.87 65.95
C PHE D 90 12.58 -12.64 66.11
N CYS D 91 11.96 -11.47 66.30
CA CYS D 91 12.65 -10.19 66.47
C CYS D 91 13.56 -10.20 67.68
N GLU D 92 13.04 -10.63 68.85
CA GLU D 92 13.80 -10.71 70.08
C GLU D 92 15.00 -11.62 69.92
N ASP D 93 14.87 -12.73 69.18
CA ASP D 93 15.96 -13.67 68.95
C ASP D 93 17.10 -13.03 68.21
N GLU D 94 16.77 -12.23 67.18
CA GLU D 94 17.77 -11.57 66.36
C GLU D 94 18.45 -10.44 67.06
N ILE D 95 17.72 -9.70 67.90
CA ILE D 95 18.26 -8.59 68.70
C ILE D 95 19.32 -9.14 69.69
N ILE D 96 19.05 -10.31 70.31
CA ILE D 96 20.01 -10.95 71.22
C ILE D 96 21.29 -11.31 70.45
N LYS D 97 21.12 -11.92 69.26
CA LYS D 97 22.23 -12.30 68.40
C LYS D 97 23.09 -11.07 68.06
N CYS D 98 22.49 -9.86 68.12
CA CYS D 98 23.18 -8.60 67.82
C CYS D 98 23.83 -7.99 69.06
N ASN D 99 23.68 -8.67 70.22
CA ASN D 99 24.17 -8.24 71.54
C ASN D 99 23.61 -6.86 71.88
N LYS D 100 22.31 -6.72 71.66
CA LYS D 100 21.56 -5.51 71.93
C LYS D 100 20.40 -5.87 72.86
N THR D 101 19.95 -4.89 73.67
CA THR D 101 18.84 -5.12 74.59
C THR D 101 17.53 -5.04 73.83
N ILE D 102 16.54 -5.83 74.24
CA ILE D 102 15.22 -5.82 73.62
C ILE D 102 14.35 -4.66 74.15
N THR D 103 14.58 -4.28 75.41
CA THR D 103 13.82 -3.25 76.13
C THR D 103 13.77 -1.96 75.36
N ASN D 104 12.53 -1.59 75.01
CA ASN D 104 12.04 -0.41 74.27
C ASN D 104 12.44 -0.38 72.80
N ARG D 105 12.90 -1.52 72.27
CA ARG D 105 13.30 -1.67 70.87
C ARG D 105 12.08 -1.98 70.00
N ILE D 106 11.19 -2.94 70.42
CA ILE D 106 10.00 -3.37 69.67
C ILE D 106 8.73 -2.65 70.14
N HIS D 107 7.95 -2.11 69.21
CA HIS D 107 6.70 -1.39 69.48
C HIS D 107 5.62 -1.82 68.49
N ARG D 108 4.34 -1.55 68.84
CA ARG D 108 3.16 -1.77 68.00
C ARG D 108 2.56 -0.38 67.82
N PHE D 109 2.01 -0.04 66.65
CA PHE D 109 1.52 1.34 66.48
C PHE D 109 0.38 1.75 67.52
N SER D 110 -0.30 0.77 68.17
CA SER D 110 -1.31 0.99 69.22
C SER D 110 -0.72 1.26 70.61
N ASP D 111 0.50 0.75 70.90
CA ASP D 111 1.21 0.91 72.19
C ASP D 111 1.19 2.33 72.77
N PHE D 112 1.02 3.35 71.94
CA PHE D 112 1.10 4.73 72.42
C PHE D 112 -0.26 5.44 72.48
N LYS D 113 -1.34 4.64 72.59
CA LYS D 113 -2.72 5.10 72.72
C LYS D 113 -2.87 6.20 73.78
N ASN D 114 -2.18 6.07 74.91
CA ASN D 114 -2.30 7.06 75.97
C ASN D 114 -1.07 8.01 76.07
N ASN D 115 -0.30 8.13 74.96
CA ASN D 115 0.84 9.03 74.85
C ASN D 115 0.36 10.40 74.31
N ILE D 116 0.63 11.48 75.05
CA ILE D 116 0.21 12.82 74.69
C ILE D 116 0.62 13.20 73.25
N TYR D 117 1.87 12.85 72.83
CA TYR D 117 2.37 13.14 71.48
C TYR D 117 1.68 12.36 70.39
N TYR D 118 1.36 11.08 70.64
CA TYR D 118 0.65 10.26 69.68
C TYR D 118 -0.80 10.74 69.60
N ILE D 119 -1.42 11.05 70.77
CA ILE D 119 -2.79 11.58 70.90
C ILE D 119 -2.99 12.84 70.04
N ASP D 120 -2.02 13.78 70.13
CA ASP D 120 -2.02 15.04 69.38
C ASP D 120 -1.96 14.81 67.88
N ILE D 121 -0.92 14.06 67.40
CA ILE D 121 -0.71 13.71 66.00
C ILE D 121 -1.93 12.95 65.44
N TYR D 122 -2.40 11.88 66.13
CA TYR D 122 -3.57 11.13 65.69
C TYR D 122 -4.81 12.00 65.52
N LYS D 123 -5.07 12.95 66.47
CA LYS D 123 -6.21 13.88 66.40
C LYS D 123 -6.11 14.73 65.14
N THR D 124 -4.98 15.46 64.96
CA THR D 124 -4.73 16.30 63.79
C THR D 124 -4.85 15.52 62.48
N ILE D 125 -4.52 14.21 62.49
CA ILE D 125 -4.65 13.32 61.33
C ILE D 125 -6.15 13.07 61.09
N VAL D 126 -6.88 12.59 62.13
CA VAL D 126 -8.31 12.28 62.04
C VAL D 126 -9.13 13.53 61.62
N ASP D 127 -8.74 14.72 62.12
CA ASP D 127 -9.40 15.98 61.76
C ASP D 127 -9.35 16.16 60.23
N GLN D 128 -8.16 15.98 59.62
CA GLN D 128 -7.95 16.07 58.18
C GLN D 128 -8.74 14.99 57.44
N PHE D 129 -8.81 13.77 58.00
CA PHE D 129 -9.55 12.67 57.41
C PHE D 129 -11.04 12.99 57.26
N ASN D 130 -11.60 13.73 58.23
CA ASN D 130 -13.00 14.14 58.22
C ASN D 130 -13.24 15.43 57.42
N THR D 131 -12.34 16.43 57.54
CA THR D 131 -12.45 17.69 56.81
C THR D 131 -12.01 17.53 55.34
N ASP D 132 -10.68 17.34 55.08
CA ASP D 132 -10.10 17.15 53.73
C ASP D 132 -10.61 15.87 53.06
N SER D 133 -11.34 16.05 51.94
CA SER D 133 -11.93 14.96 51.17
C SER D 133 -10.91 14.21 50.34
N ASN D 134 -9.88 14.93 49.86
CA ASN D 134 -8.78 14.39 49.06
C ASN D 134 -7.97 13.40 49.91
N PHE D 135 -7.64 13.80 51.16
CA PHE D 135 -6.89 13.01 52.12
C PHE D 135 -7.65 11.74 52.46
N LYS D 136 -8.97 11.85 52.74
CA LYS D 136 -9.83 10.71 53.03
C LYS D 136 -9.69 9.65 51.92
N ASN D 137 -9.78 10.09 50.64
CA ASN D 137 -9.63 9.24 49.47
C ASN D 137 -8.25 8.56 49.44
N SER D 138 -7.17 9.36 49.64
CA SER D 138 -5.79 8.86 49.67
C SER D 138 -5.63 7.75 50.71
N CYS D 139 -6.26 7.91 51.89
CA CYS D 139 -6.25 6.90 52.95
C CYS D 139 -6.96 5.63 52.50
N LEU D 140 -8.15 5.78 51.88
CA LEU D 140 -8.98 4.66 51.40
C LEU D 140 -8.29 3.83 50.30
N LYS D 141 -7.45 4.50 49.48
CA LYS D 141 -6.63 3.85 48.45
C LYS D 141 -5.61 2.94 49.15
N MET D 142 -4.99 3.44 50.24
CA MET D 142 -4.01 2.68 51.05
C MET D 142 -4.70 1.51 51.73
N SER D 143 -5.93 1.74 52.24
CA SER D 143 -6.77 0.72 52.87
C SER D 143 -7.05 -0.41 51.88
N LEU D 144 -7.37 -0.02 50.62
CA LEU D 144 -7.65 -0.95 49.53
C LEU D 144 -6.42 -1.81 49.22
N GLN D 145 -5.23 -1.19 49.19
CA GLN D 145 -3.98 -1.90 48.93
C GLN D 145 -3.59 -2.85 50.05
N ALA D 146 -3.89 -2.42 51.31
CA ALA D 146 -3.63 -3.19 52.53
C ALA D 146 -4.46 -4.48 52.51
N LEU D 147 -5.71 -4.39 52.04
CA LEU D 147 -6.60 -5.55 51.93
C LEU D 147 -6.12 -6.52 50.84
N GLN D 148 -5.55 -5.97 49.72
CA GLN D 148 -4.99 -6.71 48.58
C GLN D 148 -3.79 -7.58 49.01
N SER D 149 -2.95 -7.06 49.93
CA SER D 149 -1.78 -7.76 50.48
C SER D 149 -2.15 -8.89 51.50
N LYS D 150 -3.38 -8.86 52.08
CA LYS D 150 -3.92 -9.79 53.09
C LYS D 150 -3.09 -9.75 54.37
N ILE D 160 -16.31 -6.32 49.77
CA ILE D 160 -15.59 -5.07 49.52
C ILE D 160 -16.54 -3.93 49.04
N THR D 161 -16.70 -2.87 49.87
CA THR D 161 -17.53 -1.71 49.55
C THR D 161 -16.72 -0.41 49.70
N ASP D 162 -17.39 0.67 50.12
CA ASP D 162 -16.91 2.02 50.40
C ASP D 162 -16.81 2.14 51.90
N GLU D 163 -17.76 1.50 52.62
CA GLU D 163 -17.72 1.47 54.07
C GLU D 163 -16.63 0.50 54.53
N THR D 164 -16.41 -0.62 53.78
CA THR D 164 -15.36 -1.62 54.02
C THR D 164 -14.01 -0.90 54.12
N LEU D 165 -13.77 0.05 53.20
CA LEU D 165 -12.55 0.84 53.16
C LEU D 165 -12.45 1.86 54.28
N GLU D 166 -13.59 2.42 54.76
CA GLU D 166 -13.60 3.39 55.87
C GLU D 166 -13.24 2.70 57.18
N TYR D 167 -13.58 1.40 57.28
CA TYR D 167 -13.30 0.56 58.45
C TYR D 167 -11.83 0.19 58.43
N ALA D 168 -11.33 -0.30 57.27
CA ALA D 168 -9.93 -0.67 57.06
C ALA D 168 -8.97 0.56 57.18
N ALA D 169 -9.48 1.79 56.97
CA ALA D 169 -8.71 3.05 57.11
C ALA D 169 -8.29 3.34 58.54
N GLN D 170 -9.01 2.77 59.55
CA GLN D 170 -8.71 2.92 60.98
C GLN D 170 -7.27 2.51 61.29
N TYR D 171 -6.76 1.46 60.59
CA TYR D 171 -5.41 0.90 60.64
C TYR D 171 -4.44 1.94 60.11
N VAL D 172 -4.68 2.43 58.86
CA VAL D 172 -3.88 3.44 58.18
C VAL D 172 -3.69 4.65 59.10
N LEU D 173 -4.83 5.21 59.59
CA LEU D 173 -4.87 6.37 60.49
C LEU D 173 -4.03 6.18 61.74
N ALA D 174 -4.11 4.98 62.36
CA ALA D 174 -3.39 4.63 63.59
C ALA D 174 -1.89 4.48 63.40
N GLU D 175 -1.42 3.97 62.24
CA GLU D 175 0.01 3.80 62.00
C GLU D 175 0.69 5.08 61.50
N LEU D 176 -0.09 5.95 60.82
CA LEU D 176 0.36 7.22 60.25
C LEU D 176 1.16 8.14 61.20
N PRO D 177 0.86 8.31 62.52
CA PRO D 177 1.71 9.17 63.35
C PRO D 177 3.21 8.83 63.30
N PHE D 178 3.54 7.51 63.21
CA PHE D 178 4.92 6.99 63.14
C PHE D 178 5.61 7.25 61.80
N PHE D 179 4.84 7.60 60.78
CA PHE D 179 5.33 7.93 59.44
C PHE D 179 5.56 9.44 59.27
N LEU D 180 4.78 10.28 59.98
CA LEU D 180 4.92 11.73 59.95
C LEU D 180 5.96 12.27 60.96
N ASN D 181 5.83 11.88 62.26
CA ASN D 181 6.76 12.30 63.33
C ASN D 181 6.79 11.33 64.50
N ALA D 182 7.57 10.25 64.33
CA ALA D 182 7.74 9.22 65.33
C ALA D 182 8.62 9.71 66.51
N ASN D 183 9.56 10.62 66.25
CA ASN D 183 10.55 11.20 67.18
C ASN D 183 10.02 11.55 68.59
N PRO D 184 8.94 12.35 68.82
CA PRO D 184 8.52 12.62 70.20
C PRO D 184 7.77 11.46 70.89
N ILE D 185 7.28 10.48 70.11
CA ILE D 185 6.55 9.31 70.60
C ILE D 185 7.55 8.28 71.11
N ILE D 186 8.43 7.78 70.25
CA ILE D 186 9.46 6.76 70.57
C ILE D 186 10.70 7.37 71.21
N ASN D 187 10.72 8.72 71.32
CA ASN D 187 11.80 9.53 71.91
C ASN D 187 13.17 9.39 71.18
N THR D 188 13.20 9.83 69.90
CA THR D 188 14.41 9.87 69.07
C THR D 188 14.68 11.31 68.64
N GLN D 189 15.93 11.61 68.28
CA GLN D 189 16.36 12.93 67.78
C GLN D 189 15.85 13.07 66.35
N GLU D 190 16.19 12.07 65.51
CA GLU D 190 15.80 11.91 64.11
C GLU D 190 15.68 10.43 63.77
N THR D 191 14.68 10.08 62.93
CA THR D 191 14.47 8.70 62.49
C THR D 191 13.92 8.62 61.05
N LEU D 192 14.07 7.44 60.42
CA LEU D 192 13.58 7.07 59.09
C LEU D 192 12.70 5.84 59.25
N MET D 193 11.67 5.69 58.41
CA MET D 193 10.83 4.52 58.43
C MET D 193 11.21 3.63 57.25
N ALA D 194 11.78 2.48 57.53
CA ALA D 194 12.24 1.57 56.48
C ALA D 194 11.23 0.46 56.14
N TYR D 195 10.83 0.40 54.86
CA TYR D 195 9.88 -0.58 54.37
C TYR D 195 10.32 -1.09 53.02
N HIS D 196 9.73 -2.18 52.50
CA HIS D 196 10.14 -2.79 51.23
C HIS D 196 9.49 -2.22 49.96
N ALA D 197 8.39 -1.49 50.11
CA ALA D 197 7.61 -0.98 48.99
C ALA D 197 7.43 0.51 49.08
N PRO D 198 7.12 1.26 47.99
CA PRO D 198 6.90 2.71 48.13
C PRO D 198 5.61 3.01 48.92
N TRP D 199 5.39 4.28 49.25
CA TRP D 199 4.26 4.73 50.04
C TRP D 199 3.62 5.89 49.31
N GLU D 200 2.53 5.60 48.56
CA GLU D 200 1.82 6.58 47.73
C GLU D 200 1.26 7.79 48.53
N LEU D 201 0.74 7.53 49.75
CA LEU D 201 0.16 8.54 50.64
C LEU D 201 1.22 9.54 51.05
N GLY D 202 2.44 9.05 51.26
CA GLY D 202 3.60 9.83 51.66
C GLY D 202 4.17 10.66 50.53
N THR D 203 4.04 10.17 49.27
CA THR D 203 4.47 10.91 48.08
C THR D 203 3.64 12.18 48.04
N ASN D 204 2.32 12.04 48.24
CA ASN D 204 1.35 13.14 48.27
C ASN D 204 1.52 14.09 49.46
N ILE D 205 1.93 13.56 50.62
CA ILE D 205 2.19 14.35 51.83
C ILE D 205 3.38 15.31 51.52
N ILE D 206 4.44 14.73 50.93
CA ILE D 206 5.70 15.33 50.51
C ILE D 206 5.53 16.36 49.38
N ASN D 207 4.48 16.18 48.53
CA ASN D 207 4.16 17.12 47.44
C ASN D 207 3.11 18.14 47.92
N ASP D 208 3.11 18.41 49.26
CA ASP D 208 2.25 19.33 50.02
C ASP D 208 0.80 19.32 49.54
N GLN D 209 0.23 18.12 49.35
CA GLN D 209 -1.14 17.98 48.86
C GLN D 209 -2.17 18.00 49.97
N PHE D 210 -1.72 17.94 51.24
CA PHE D 210 -2.62 17.97 52.40
C PHE D 210 -2.15 18.95 53.48
N ASN D 211 -2.98 19.12 54.55
CA ASN D 211 -2.71 19.99 55.70
C ASN D 211 -1.88 19.30 56.78
N LEU D 212 -1.15 18.24 56.38
CA LEU D 212 -0.26 17.41 57.21
C LEU D 212 1.14 17.46 56.63
N LYS D 213 2.15 17.34 57.47
CA LYS D 213 3.54 17.36 57.00
C LYS D 213 4.42 16.30 57.67
N MET D 214 5.30 15.65 56.91
CA MET D 214 6.25 14.72 57.48
C MET D 214 7.39 15.56 58.06
N ASN D 215 7.62 15.44 59.39
CA ASN D 215 8.60 16.21 60.13
C ASN D 215 9.97 16.17 59.50
N GLU D 216 10.68 17.33 59.54
CA GLU D 216 12.04 17.56 59.02
C GLU D 216 13.05 16.53 59.52
N LYS D 217 12.83 16.01 60.75
CA LYS D 217 13.65 15.00 61.43
C LYS D 217 13.10 13.57 61.25
N GLN D 218 12.25 13.37 60.23
CA GLN D 218 11.64 12.07 59.89
C GLN D 218 11.67 11.84 58.38
N GLY D 219 12.09 10.65 57.97
CA GLY D 219 12.15 10.23 56.57
C GLY D 219 11.44 8.91 56.29
N TYR D 220 11.62 8.38 55.06
CA TYR D 220 11.06 7.12 54.60
C TYR D 220 11.97 6.52 53.53
N ILE D 221 12.47 5.31 53.76
CA ILE D 221 13.35 4.60 52.82
C ILE D 221 12.71 3.27 52.34
N ILE D 222 13.00 2.86 51.09
CA ILE D 222 12.49 1.65 50.47
C ILE D 222 13.59 0.61 50.30
N LEU D 223 13.46 -0.55 50.98
CA LEU D 223 14.43 -1.67 50.96
C LEU D 223 14.16 -2.79 49.93
N THR D 224 15.18 -3.05 49.07
CA THR D 224 15.04 -4.11 48.06
C THR D 224 16.28 -5.02 48.07
N GLU D 225 16.04 -6.34 48.11
CA GLU D 225 17.06 -7.40 48.16
C GLU D 225 17.90 -7.59 46.84
N LYS D 226 18.98 -8.43 46.90
CA LYS D 226 19.88 -8.74 45.78
C LYS D 226 19.31 -9.81 44.83
N GLN E 2 23.70 -53.80 7.24
CA GLN E 2 23.57 -54.46 5.94
C GLN E 2 22.63 -53.73 4.99
N ASN E 3 21.38 -53.53 5.46
CA ASN E 3 20.20 -52.99 4.76
C ASN E 3 20.38 -51.67 4.01
N PHE E 4 21.48 -50.96 4.26
CA PHE E 4 21.68 -49.64 3.69
C PHE E 4 22.84 -49.48 2.76
N LYS E 5 22.70 -48.55 1.82
CA LYS E 5 23.74 -48.12 0.90
C LYS E 5 24.28 -46.82 1.52
N VAL E 6 25.59 -46.79 1.81
CA VAL E 6 26.19 -45.64 2.45
C VAL E 6 26.99 -44.78 1.46
N ASP E 7 26.69 -43.46 1.43
CA ASP E 7 27.38 -42.47 0.59
C ASP E 7 28.20 -41.54 1.46
N PHE E 8 29.25 -40.91 0.92
CA PHE E 8 30.17 -40.08 1.72
C PHE E 8 30.30 -38.67 1.23
N LEU E 9 30.42 -37.72 2.17
CA LEU E 9 30.58 -36.30 1.84
C LEU E 9 32.00 -36.06 1.36
N THR E 10 32.98 -36.74 1.97
CA THR E 10 34.39 -36.66 1.57
C THR E 10 35.02 -38.06 1.63
N LYS E 11 36.26 -38.18 1.07
CA LYS E 11 37.07 -39.42 1.08
C LYS E 11 37.42 -39.75 2.55
N ASN E 12 37.69 -38.69 3.36
CA ASN E 12 37.99 -38.79 4.78
C ASN E 12 36.86 -39.46 5.56
N CYS E 13 35.60 -39.18 5.22
CA CYS E 13 34.42 -39.82 5.85
C CYS E 13 34.43 -41.33 5.58
N LYS E 14 34.89 -41.75 4.38
CA LYS E 14 34.98 -43.16 4.03
C LYS E 14 36.05 -43.83 4.90
N GLN E 15 37.19 -43.12 5.12
CA GLN E 15 38.29 -43.59 5.96
C GLN E 15 37.77 -43.78 7.40
N ILE E 16 37.03 -42.76 7.93
CA ILE E 16 36.44 -42.80 9.28
C ILE E 16 35.46 -43.98 9.34
N TYR E 17 34.55 -44.07 8.34
CA TYR E 17 33.53 -45.11 8.23
C TYR E 17 34.16 -46.48 8.34
N GLN E 18 35.23 -46.76 7.54
CA GLN E 18 36.00 -48.02 7.53
C GLN E 18 36.35 -48.45 8.95
N ARG E 19 36.92 -47.51 9.77
CA ARG E 19 37.31 -47.72 11.16
C ARG E 19 36.13 -48.16 12.11
N LYS E 20 34.86 -47.77 11.81
CA LYS E 20 33.59 -48.07 12.51
C LYS E 20 33.62 -47.77 14.02
N LYS E 21 34.33 -46.69 14.41
CA LYS E 21 34.44 -46.37 15.82
C LYS E 21 33.12 -45.92 16.48
N HIS E 22 32.42 -44.95 15.85
CA HIS E 22 31.18 -44.36 16.36
C HIS E 22 30.39 -43.65 15.25
N VAL E 23 29.05 -43.68 15.36
CA VAL E 23 28.11 -43.01 14.46
C VAL E 23 27.01 -42.33 15.27
N ILE E 24 26.63 -41.12 14.84
CA ILE E 24 25.53 -40.36 15.41
C ILE E 24 24.35 -40.56 14.43
N LEU E 25 23.24 -41.13 14.89
CA LEU E 25 22.08 -41.28 14.05
C LEU E 25 21.24 -40.01 14.24
N GLY E 26 21.14 -39.19 13.21
CA GLY E 26 20.35 -37.97 13.25
C GLY E 26 18.91 -38.35 13.03
N ILE E 27 17.98 -37.91 13.93
CA ILE E 27 16.54 -38.20 13.81
C ILE E 27 15.76 -36.88 13.80
N SER E 28 15.08 -36.63 12.67
CA SER E 28 14.31 -35.42 12.42
C SER E 28 12.87 -35.44 12.97
N PRO E 29 12.41 -34.31 13.56
CA PRO E 29 11.01 -34.24 14.06
C PRO E 29 10.01 -33.93 12.94
N PHE E 30 8.77 -34.43 13.11
CA PHE E 30 7.61 -34.22 12.25
C PHE E 30 7.83 -34.68 10.80
N THR E 31 8.89 -35.47 10.55
CA THR E 31 9.17 -35.99 9.21
C THR E 31 8.58 -37.38 9.02
N SER E 32 8.15 -37.62 7.78
CA SER E 32 7.54 -38.86 7.31
C SER E 32 8.50 -40.05 7.44
N LYS E 33 9.79 -39.83 7.10
CA LYS E 33 10.81 -40.89 7.12
C LYS E 33 11.07 -41.46 8.50
N TYR E 34 11.32 -40.59 9.49
CA TYR E 34 11.68 -40.97 10.85
C TYR E 34 10.46 -41.49 11.63
N ASN E 35 9.95 -42.64 11.15
CA ASN E 35 8.84 -43.42 11.68
C ASN E 35 9.39 -44.60 12.43
N GLU E 36 8.57 -45.19 13.33
CA GLU E 36 8.91 -46.33 14.18
C GLU E 36 9.70 -47.43 13.41
N SER E 37 9.31 -47.71 12.18
CA SER E 37 9.97 -48.72 11.36
C SER E 37 11.39 -48.32 11.02
N TYR E 38 11.58 -47.09 10.49
CA TYR E 38 12.91 -46.59 10.10
C TYR E 38 13.83 -46.37 11.30
N ILE E 39 13.31 -45.69 12.34
CA ILE E 39 14.02 -45.44 13.60
C ILE E 39 14.64 -46.74 14.18
N ARG E 40 13.93 -47.88 14.05
CA ARG E 40 14.39 -49.20 14.47
C ARG E 40 15.50 -49.72 13.51
N LYS E 41 15.30 -49.57 12.18
CA LYS E 41 16.21 -50.00 11.11
C LYS E 41 17.58 -49.43 11.36
N ILE E 42 17.67 -48.09 11.45
CA ILE E 42 18.90 -47.34 11.65
C ILE E 42 19.57 -47.76 12.94
N ILE E 43 18.80 -47.97 14.04
CA ILE E 43 19.34 -48.41 15.34
C ILE E 43 20.00 -49.79 15.20
N GLN E 44 19.24 -50.82 14.76
CA GLN E 44 19.82 -52.13 14.55
C GLN E 44 21.11 -52.04 13.70
N TRP E 45 21.07 -51.22 12.57
CA TRP E 45 22.19 -50.95 11.65
C TRP E 45 23.41 -50.37 12.34
N ALA E 46 23.20 -49.30 13.10
CA ALA E 46 24.29 -48.65 13.84
C ALA E 46 24.92 -49.63 14.85
N ASN E 47 24.05 -50.45 15.50
CA ASN E 47 24.41 -51.44 16.50
C ASN E 47 25.27 -52.57 15.93
N SER E 48 24.90 -53.07 14.76
CA SER E 48 25.58 -54.19 14.10
C SER E 48 26.93 -53.84 13.50
N ASN E 49 27.02 -52.64 12.94
CA ASN E 49 28.20 -52.20 12.23
C ASN E 49 29.22 -51.44 13.05
N PHE E 50 28.81 -50.70 14.11
CA PHE E 50 29.74 -49.84 14.84
C PHE E 50 30.07 -50.30 16.24
N ASP E 51 31.23 -49.80 16.75
CA ASP E 51 31.71 -50.08 18.11
C ASP E 51 30.75 -49.49 19.10
N ASP E 52 30.34 -48.24 18.85
CA ASP E 52 29.33 -47.53 19.64
C ASP E 52 28.56 -46.60 18.73
N PHE E 53 27.41 -46.09 19.21
CA PHE E 53 26.57 -45.13 18.49
C PHE E 53 25.82 -44.27 19.49
N SER E 54 25.27 -43.18 19.00
CA SER E 54 24.49 -42.18 19.72
C SER E 54 23.35 -41.73 18.79
N ILE E 55 22.31 -41.14 19.37
CA ILE E 55 21.19 -40.61 18.60
C ILE E 55 21.06 -39.12 18.89
N LEU E 56 20.90 -38.30 17.86
CA LEU E 56 20.74 -36.87 18.04
C LEU E 56 19.36 -36.52 17.55
N LEU E 57 18.55 -36.05 18.50
CA LEU E 57 17.15 -35.66 18.34
C LEU E 57 17.07 -34.15 18.28
N ALA E 58 15.96 -33.60 17.75
CA ALA E 58 15.82 -32.14 17.64
C ALA E 58 15.89 -31.41 18.97
N GLY E 59 16.61 -30.30 18.96
CA GLY E 59 16.80 -29.41 20.11
C GLY E 59 15.61 -28.52 20.32
N GLU E 60 15.64 -27.72 21.41
CA GLU E 60 14.54 -26.83 21.81
C GLU E 60 14.09 -25.87 20.73
N GLU E 61 15.07 -25.34 19.95
CA GLU E 61 14.91 -24.38 18.86
C GLU E 61 14.04 -24.90 17.71
N SER E 62 13.52 -26.14 17.81
CA SER E 62 12.62 -26.71 16.81
C SER E 62 11.25 -26.06 16.91
N LYS E 63 10.91 -25.44 18.08
CA LYS E 63 9.67 -24.71 18.30
C LYS E 63 9.60 -23.50 17.33
N ASN E 64 10.76 -22.86 17.06
CA ASN E 64 10.90 -21.74 16.13
C ASN E 64 10.33 -22.09 14.77
N LEU E 65 10.61 -23.30 14.28
CA LEU E 65 10.12 -23.79 13.00
C LEU E 65 8.59 -23.89 12.98
N LEU E 66 7.98 -24.36 14.09
CA LEU E 66 6.52 -24.46 14.22
C LEU E 66 5.88 -23.07 14.31
N GLU E 67 6.55 -22.13 15.02
CA GLU E 67 6.12 -20.74 15.16
C GLU E 67 6.03 -20.03 13.80
N CYS E 68 6.98 -20.35 12.90
CA CYS E 68 7.02 -19.84 11.52
C CYS E 68 5.93 -20.49 10.67
N LEU E 69 5.46 -21.68 11.08
CA LEU E 69 4.38 -22.37 10.38
C LEU E 69 3.02 -22.01 11.04
N GLY E 70 3.01 -20.88 11.76
CA GLY E 70 1.83 -20.35 12.45
C GLY E 70 1.34 -21.18 13.63
N TYR E 71 2.17 -21.27 14.69
CA TYR E 71 1.85 -21.97 15.93
C TYR E 71 2.14 -21.05 17.10
N SER E 72 1.29 -21.12 18.13
CA SER E 72 1.45 -20.36 19.36
C SER E 72 2.71 -20.86 20.05
N SER E 73 3.47 -19.95 20.72
CA SER E 73 4.70 -20.33 21.42
C SER E 73 4.48 -21.51 22.37
N SER E 74 3.29 -21.60 22.98
CA SER E 74 2.91 -22.70 23.88
C SER E 74 2.56 -23.96 23.07
N LYS E 75 1.79 -23.81 21.95
CA LYS E 75 1.36 -24.89 21.03
C LYS E 75 2.57 -25.59 20.40
N ALA E 76 3.60 -24.79 20.07
CA ALA E 76 4.86 -25.23 19.47
C ALA E 76 5.66 -26.07 20.47
N ASN E 77 5.86 -25.56 21.71
CA ASN E 77 6.59 -26.27 22.77
C ASN E 77 5.90 -27.56 23.20
N GLN E 78 4.56 -27.62 23.06
CA GLN E 78 3.78 -28.82 23.38
C GLN E 78 4.00 -29.88 22.31
N LYS E 79 3.90 -29.50 21.00
CA LYS E 79 4.09 -30.39 19.84
C LYS E 79 5.52 -30.95 19.78
N VAL E 80 6.53 -30.11 20.13
CA VAL E 80 7.96 -30.45 20.19
C VAL E 80 8.19 -31.51 21.29
N ARG E 81 7.68 -31.26 22.51
CA ARG E 81 7.80 -32.15 23.65
C ARG E 81 7.17 -33.50 23.34
N LYS E 82 5.97 -33.50 22.77
CA LYS E 82 5.20 -34.71 22.45
C LYS E 82 5.96 -35.58 21.47
N GLU E 83 6.56 -34.97 20.43
CA GLU E 83 7.32 -35.65 19.39
C GLU E 83 8.62 -36.25 19.98
N ILE E 84 9.44 -35.42 20.67
CA ILE E 84 10.71 -35.87 21.24
C ILE E 84 10.49 -37.02 22.21
N LYS E 85 9.46 -36.95 23.07
CA LYS E 85 9.15 -38.02 24.03
C LYS E 85 8.79 -39.32 23.31
N ARG E 86 8.03 -39.20 22.20
CA ARG E 86 7.63 -40.31 21.34
C ARG E 86 8.89 -40.95 20.73
N GLN E 87 9.80 -40.11 20.20
CA GLN E 87 11.06 -40.53 19.59
C GLN E 87 11.93 -41.23 20.61
N ILE E 88 12.09 -40.62 21.81
CA ILE E 88 12.84 -41.21 22.93
C ILE E 88 12.33 -42.61 23.30
N ARG E 89 11.01 -42.75 23.47
CA ARG E 89 10.40 -44.03 23.85
C ARG E 89 10.67 -45.12 22.81
N PHE E 90 10.60 -44.80 21.50
CA PHE E 90 10.91 -45.78 20.44
C PHE E 90 12.37 -46.18 20.46
N CYS E 91 13.26 -45.17 20.54
CA CYS E 91 14.70 -45.33 20.59
C CYS E 91 15.15 -46.18 21.80
N GLU E 92 14.66 -45.85 22.99
CA GLU E 92 15.01 -46.59 24.18
C GLU E 92 14.61 -48.04 24.09
N ASP E 93 13.45 -48.33 23.46
CA ASP E 93 12.97 -49.69 23.29
C ASP E 93 13.90 -50.52 22.42
N GLU E 94 14.41 -49.90 21.34
CA GLU E 94 15.30 -50.59 20.41
C GLU E 94 16.67 -50.79 20.99
N ILE E 95 17.15 -49.81 21.82
CA ILE E 95 18.47 -49.88 22.46
C ILE E 95 18.47 -51.06 23.43
N ILE E 96 17.36 -51.28 24.18
CA ILE E 96 17.24 -52.44 25.09
C ILE E 96 17.32 -53.74 24.31
N LYS E 97 16.60 -53.81 23.17
CA LYS E 97 16.59 -54.98 22.32
C LYS E 97 18.00 -55.33 21.86
N CYS E 98 18.90 -54.30 21.80
CA CYS E 98 20.28 -54.44 21.39
C CYS E 98 21.21 -54.80 22.53
N ASN E 99 20.68 -54.91 23.75
CA ASN E 99 21.42 -55.18 24.99
C ASN E 99 22.51 -54.12 25.19
N LYS E 100 22.10 -52.88 25.02
CA LYS E 100 22.92 -51.71 25.20
C LYS E 100 22.21 -50.78 26.21
N THR E 101 22.98 -50.02 27.00
CA THR E 101 22.44 -49.10 27.98
C THR E 101 21.98 -47.84 27.26
N ILE E 102 20.91 -47.22 27.76
CA ILE E 102 20.35 -45.99 27.18
C ILE E 102 21.12 -44.76 27.68
N THR E 103 21.69 -44.85 28.90
CA THR E 103 22.37 -43.75 29.55
C THR E 103 23.49 -43.20 28.68
N ASN E 104 23.35 -41.93 28.32
CA ASN E 104 24.19 -41.04 27.51
C ASN E 104 24.21 -41.38 26.03
N ARG E 105 23.27 -42.23 25.59
CA ARG E 105 23.13 -42.66 24.19
C ARG E 105 22.30 -41.68 23.39
N ILE E 106 21.18 -41.18 23.94
CA ILE E 106 20.26 -40.25 23.23
C ILE E 106 20.47 -38.82 23.66
N HIS E 107 20.60 -37.89 22.71
CA HIS E 107 20.82 -36.47 22.97
C HIS E 107 19.92 -35.59 22.12
N ARG E 108 19.75 -34.33 22.54
CA ARG E 108 19.06 -33.29 21.79
C ARG E 108 20.13 -32.20 21.50
N PHE E 109 20.09 -31.50 20.36
CA PHE E 109 21.15 -30.53 20.08
C PHE E 109 21.13 -29.26 21.01
N SER E 110 20.11 -29.17 21.89
CA SER E 110 19.95 -28.13 22.92
C SER E 110 20.53 -28.58 24.27
N ASP E 111 20.72 -29.91 24.50
CA ASP E 111 21.27 -30.52 25.73
C ASP E 111 22.63 -29.97 26.18
N PHE E 112 23.41 -29.40 25.26
CA PHE E 112 24.75 -28.96 25.57
C PHE E 112 24.89 -27.44 25.59
N LYS E 113 23.76 -26.73 25.81
CA LYS E 113 23.68 -25.27 25.95
C LYS E 113 24.74 -24.71 26.93
N ASN E 114 24.97 -25.43 28.05
CA ASN E 114 25.93 -25.02 29.06
C ASN E 114 27.26 -25.81 29.01
N ASN E 115 27.58 -26.44 27.85
CA ASN E 115 28.83 -27.15 27.62
C ASN E 115 29.86 -26.20 26.98
N ILE E 116 31.02 -26.04 27.62
CA ILE E 116 32.07 -25.13 27.16
C ILE E 116 32.45 -25.38 25.68
N TYR E 117 32.54 -26.67 25.23
CA TYR E 117 32.88 -27.01 23.84
C TYR E 117 31.80 -26.66 22.86
N TYR E 118 30.53 -26.83 23.24
CA TYR E 118 29.41 -26.48 22.37
C TYR E 118 29.32 -24.95 22.30
N ILE E 119 29.48 -24.27 23.47
CA ILE E 119 29.48 -22.79 23.60
C ILE E 119 30.52 -22.16 22.63
N ASP E 120 31.75 -22.70 22.60
CA ASP E 120 32.83 -22.26 21.73
C ASP E 120 32.47 -22.41 20.25
N ILE E 121 32.10 -23.64 19.81
CA ILE E 121 31.72 -23.95 18.42
C ILE E 121 30.52 -23.09 17.98
N TYR E 122 29.43 -23.05 18.79
CA TYR E 122 28.25 -22.23 18.51
C TYR E 122 28.60 -20.76 18.27
N LYS E 123 29.48 -20.17 19.14
CA LYS E 123 29.96 -18.78 19.00
C LYS E 123 30.68 -18.60 17.65
N THR E 124 31.68 -19.48 17.34
CA THR E 124 32.46 -19.48 16.10
C THR E 124 31.58 -19.66 14.86
N ILE E 125 30.38 -20.26 15.01
CA ILE E 125 29.41 -20.43 13.94
C ILE E 125 28.63 -19.11 13.81
N VAL E 126 28.05 -18.60 14.93
CA VAL E 126 27.25 -17.37 14.96
C VAL E 126 28.08 -16.16 14.46
N ASP E 127 29.38 -16.12 14.79
CA ASP E 127 30.26 -15.06 14.33
C ASP E 127 30.25 -14.96 12.79
N GLN E 128 30.40 -16.09 12.10
CA GLN E 128 30.36 -16.08 10.64
C GLN E 128 28.96 -15.83 10.10
N PHE E 129 27.92 -16.22 10.86
CA PHE E 129 26.56 -15.94 10.46
C PHE E 129 26.33 -14.42 10.36
N ASN E 130 26.96 -13.66 11.26
CA ASN E 130 26.84 -12.20 11.31
C ASN E 130 27.84 -11.49 10.36
N THR E 131 29.12 -11.96 10.32
CA THR E 131 30.19 -11.43 9.47
C THR E 131 29.95 -11.84 8.00
N ASP E 132 30.18 -13.14 7.64
CA ASP E 132 30.01 -13.69 6.28
C ASP E 132 28.55 -13.66 5.83
N SER E 133 28.30 -12.88 4.77
CA SER E 133 26.99 -12.66 4.17
C SER E 133 26.52 -13.90 3.41
N ASN E 134 27.44 -14.64 2.77
CA ASN E 134 27.06 -15.82 2.00
C ASN E 134 26.83 -17.06 2.83
N PHE E 135 27.40 -17.10 4.04
CA PHE E 135 27.11 -18.16 5.00
C PHE E 135 25.70 -17.92 5.54
N LYS E 136 25.38 -16.64 5.91
CA LYS E 136 24.05 -16.24 6.40
C LYS E 136 22.98 -16.73 5.43
N ASN E 137 23.17 -16.46 4.12
CA ASN E 137 22.27 -16.88 3.05
C ASN E 137 22.15 -18.41 2.99
N SER E 138 23.29 -19.14 3.03
CA SER E 138 23.33 -20.61 3.01
C SER E 138 22.53 -21.20 4.17
N CYS E 139 22.59 -20.54 5.34
CA CYS E 139 21.87 -20.92 6.55
C CYS E 139 20.37 -20.74 6.38
N LEU E 140 19.97 -19.58 5.80
CA LEU E 140 18.56 -19.22 5.54
C LEU E 140 17.94 -20.17 4.49
N LYS E 141 18.74 -20.67 3.52
CA LYS E 141 18.30 -21.64 2.52
C LYS E 141 17.91 -22.92 3.24
N MET E 142 18.75 -23.37 4.22
CA MET E 142 18.52 -24.58 5.00
C MET E 142 17.27 -24.40 5.85
N SER E 143 17.09 -23.19 6.42
CA SER E 143 15.93 -22.81 7.24
C SER E 143 14.65 -22.85 6.41
N LEU E 144 14.75 -22.46 5.11
CA LEU E 144 13.64 -22.47 4.16
C LEU E 144 13.27 -23.92 3.81
N GLN E 145 14.30 -24.78 3.56
CA GLN E 145 14.18 -26.22 3.26
C GLN E 145 13.59 -27.00 4.45
N ALA E 146 13.91 -26.57 5.71
CA ALA E 146 13.43 -27.16 6.96
C ALA E 146 11.95 -26.85 7.16
N LEU E 147 11.52 -25.62 6.80
CA LEU E 147 10.12 -25.19 6.87
C LEU E 147 9.24 -26.01 5.92
N GLN E 148 9.83 -26.52 4.81
CA GLN E 148 9.16 -27.45 3.87
C GLN E 148 8.83 -28.77 4.65
N SER E 149 9.89 -29.42 5.21
CA SER E 149 9.80 -30.64 6.03
C SER E 149 9.31 -30.35 7.48
N ASP E 162 10.94 -13.28 5.28
CA ASP E 162 12.39 -13.19 5.09
C ASP E 162 13.17 -12.90 6.39
N GLU E 163 12.65 -12.02 7.29
CA GLU E 163 13.30 -11.72 8.58
C GLU E 163 12.80 -12.74 9.60
N THR E 164 11.78 -13.52 9.18
CA THR E 164 11.17 -14.63 9.91
C THR E 164 11.93 -15.94 9.58
N LEU E 165 12.77 -15.89 8.51
CA LEU E 165 13.65 -16.98 8.09
C LEU E 165 14.88 -16.96 8.99
N GLU E 166 15.25 -15.75 9.46
CA GLU E 166 16.33 -15.49 10.42
C GLU E 166 15.95 -16.12 11.76
N TYR E 167 14.64 -16.26 12.04
CA TYR E 167 14.11 -16.89 13.25
C TYR E 167 14.29 -18.40 13.13
N ALA E 168 13.89 -18.99 11.98
CA ALA E 168 14.03 -20.42 11.71
C ALA E 168 15.50 -20.87 11.64
N ALA E 169 16.45 -19.93 11.35
CA ALA E 169 17.89 -20.18 11.27
C ALA E 169 18.49 -20.54 12.62
N GLN E 170 17.84 -20.12 13.73
CA GLN E 170 18.28 -20.39 15.13
C GLN E 170 18.46 -21.88 15.37
N TYR E 171 17.59 -22.71 14.73
CA TYR E 171 17.56 -24.17 14.73
C TYR E 171 18.81 -24.68 14.01
N VAL E 172 19.01 -24.25 12.74
CA VAL E 172 20.16 -24.60 11.89
C VAL E 172 21.46 -24.35 12.66
N LEU E 173 21.62 -23.12 13.18
CA LEU E 173 22.79 -22.67 13.93
C LEU E 173 23.08 -23.55 15.15
N ALA E 174 22.02 -23.92 15.90
CA ALA E 174 22.09 -24.76 17.09
C ALA E 174 22.47 -26.23 16.82
N GLU E 175 22.02 -26.82 15.69
CA GLU E 175 22.36 -28.21 15.36
C GLU E 175 23.73 -28.36 14.72
N LEU E 176 24.19 -27.30 14.02
CA LEU E 176 25.45 -27.23 13.30
C LEU E 176 26.70 -27.68 14.09
N PRO E 177 26.89 -27.34 15.41
CA PRO E 177 28.09 -27.84 16.11
C PRO E 177 28.31 -29.35 16.03
N PHE E 178 27.22 -30.15 16.06
CA PHE E 178 27.24 -31.62 15.96
C PHE E 178 27.60 -32.14 14.55
N PHE E 179 27.53 -31.27 13.54
CA PHE E 179 27.87 -31.61 12.17
C PHE E 179 29.32 -31.26 11.86
N LEU E 180 29.88 -30.23 12.54
CA LEU E 180 31.25 -29.76 12.32
C LEU E 180 32.27 -30.43 13.25
N ASN E 181 31.98 -30.56 14.57
CA ASN E 181 32.85 -31.25 15.55
C ASN E 181 32.10 -31.68 16.82
N ALA E 182 31.38 -32.80 16.73
CA ALA E 182 30.60 -33.37 17.83
C ALA E 182 31.50 -34.01 18.90
N ASN E 183 32.67 -34.53 18.49
CA ASN E 183 33.66 -35.22 19.33
C ASN E 183 33.91 -34.60 20.74
N PRO E 184 34.27 -33.31 20.93
CA PRO E 184 34.53 -32.85 22.30
C PRO E 184 33.26 -32.62 23.15
N ILE E 185 32.09 -32.53 22.48
CA ILE E 185 30.79 -32.29 23.12
C ILE E 185 30.27 -33.62 23.71
N ILE E 186 30.05 -34.62 22.84
CA ILE E 186 29.54 -35.95 23.21
C ILE E 186 30.66 -36.88 23.71
N ASN E 187 31.92 -36.38 23.68
CA ASN E 187 33.12 -37.06 24.15
C ASN E 187 33.44 -38.35 23.38
N THR E 188 33.74 -38.19 22.08
CA THR E 188 34.16 -39.28 21.19
C THR E 188 35.55 -38.96 20.61
N GLN E 189 36.26 -40.02 20.15
CA GLN E 189 37.57 -39.90 19.53
C GLN E 189 37.33 -39.39 18.11
N GLU E 190 36.45 -40.07 17.37
CA GLU E 190 36.03 -39.74 16.00
C GLU E 190 34.58 -40.21 15.82
N THR E 191 33.81 -39.53 14.97
CA THR E 191 32.40 -39.84 14.76
C THR E 191 31.92 -39.44 13.38
N LEU E 192 30.87 -40.12 12.90
CA LEU E 192 30.23 -39.80 11.62
C LEU E 192 28.81 -39.44 11.96
N MET E 193 28.27 -38.41 11.29
CA MET E 193 26.87 -38.02 11.39
C MET E 193 26.15 -38.76 10.24
N ALA E 194 25.13 -39.56 10.59
CA ALA E 194 24.39 -40.33 9.59
C ALA E 194 22.99 -39.81 9.39
N TYR E 195 22.67 -39.43 8.15
CA TYR E 195 21.35 -38.94 7.76
C TYR E 195 20.88 -39.58 6.43
N HIS E 196 19.62 -39.40 6.04
CA HIS E 196 19.05 -40.03 4.84
C HIS E 196 19.19 -39.25 3.55
N ALA E 197 19.48 -37.97 3.65
CA ALA E 197 19.56 -37.06 2.52
C ALA E 197 20.90 -36.32 2.47
N PRO E 198 21.32 -35.73 1.32
CA PRO E 198 22.58 -34.96 1.32
C PRO E 198 22.44 -33.68 2.14
N TRP E 199 23.56 -32.97 2.38
CA TRP E 199 23.57 -31.76 3.20
C TRP E 199 24.28 -30.68 2.43
N GLU E 200 23.48 -29.78 1.79
CA GLU E 200 23.94 -28.71 0.91
C GLU E 200 24.93 -27.77 1.58
N LEU E 201 24.68 -27.40 2.85
CA LEU E 201 25.55 -26.49 3.59
C LEU E 201 26.95 -27.14 3.74
N GLY E 202 26.93 -28.44 4.02
CA GLY E 202 28.12 -29.25 4.24
C GLY E 202 28.92 -29.49 3.00
N THR E 203 28.28 -29.41 1.85
CA THR E 203 28.96 -29.53 0.56
C THR E 203 29.81 -28.24 0.42
N ASN E 204 29.19 -27.08 0.71
CA ASN E 204 29.81 -25.76 0.65
C ASN E 204 30.90 -25.56 1.69
N ILE E 205 30.74 -26.15 2.89
CA ILE E 205 31.73 -26.09 3.97
C ILE E 205 33.00 -26.79 3.48
N ILE E 206 32.81 -28.00 2.90
CA ILE E 206 33.81 -28.91 2.36
C ILE E 206 34.53 -28.33 1.12
N ASN E 207 33.85 -27.43 0.37
CA ASN E 207 34.43 -26.77 -0.81
C ASN E 207 35.00 -25.40 -0.41
N ASP E 208 35.42 -25.29 0.87
CA ASP E 208 36.02 -24.11 1.54
C ASP E 208 35.36 -22.78 1.14
N GLN E 209 34.03 -22.75 1.14
CA GLN E 209 33.30 -21.55 0.77
C GLN E 209 33.06 -20.61 1.95
N PHE E 210 33.36 -21.07 3.18
CA PHE E 210 33.21 -20.28 4.40
C PHE E 210 34.43 -20.38 5.31
N ASN E 211 34.41 -19.57 6.40
CA ASN E 211 35.45 -19.50 7.44
C ASN E 211 35.26 -20.56 8.53
N LEU E 212 34.50 -21.64 8.18
CA LEU E 212 34.21 -22.79 9.05
C LEU E 212 34.74 -24.04 8.40
N LYS E 213 35.14 -25.03 9.21
CA LYS E 213 35.63 -26.31 8.68
C LYS E 213 35.11 -27.49 9.47
N MET E 214 34.78 -28.58 8.78
CA MET E 214 34.35 -29.78 9.47
C MET E 214 35.61 -30.50 9.96
N ASN E 215 35.72 -30.73 11.28
CA ASN E 215 36.88 -31.39 11.90
C ASN E 215 37.29 -32.68 11.25
N GLU E 216 38.61 -32.92 11.16
CA GLU E 216 39.27 -34.10 10.57
C GLU E 216 38.78 -35.42 11.15
N LYS E 217 38.32 -35.39 12.42
CA LYS E 217 37.80 -36.54 13.16
C LYS E 217 36.24 -36.59 13.13
N GLN E 218 35.63 -35.89 12.15
CA GLN E 218 34.19 -35.81 11.95
C GLN E 218 33.86 -35.97 10.47
N GLY E 219 32.88 -36.81 10.19
CA GLY E 219 32.38 -37.03 8.83
C GLY E 219 30.88 -36.86 8.70
N TYR E 220 30.36 -37.13 7.50
CA TYR E 220 28.92 -37.09 7.21
C TYR E 220 28.63 -38.16 6.18
N ILE E 221 27.72 -39.10 6.53
CA ILE E 221 27.32 -40.19 5.64
C ILE E 221 25.80 -40.12 5.29
N ILE E 222 25.44 -40.54 4.06
CA ILE E 222 24.06 -40.60 3.57
C ILE E 222 23.61 -42.05 3.47
N LEU E 223 22.55 -42.39 4.23
CA LEU E 223 21.96 -43.73 4.28
C LEU E 223 20.75 -43.89 3.35
N THR E 224 20.85 -44.81 2.38
CA THR E 224 19.74 -45.10 1.48
C THR E 224 19.38 -46.58 1.61
N GLU E 225 18.15 -46.89 2.06
CA GLU E 225 17.72 -48.27 2.33
C GLU E 225 17.52 -49.07 1.07
N LYS E 226 18.35 -50.11 0.89
CA LYS E 226 18.36 -51.02 -0.26
C LYS E 226 17.02 -51.76 -0.48
N GLN F 2 1.69 29.37 37.19
CA GLN F 2 0.44 29.12 36.46
C GLN F 2 -0.70 28.70 37.43
N ASN F 3 -1.68 27.90 36.92
CA ASN F 3 -2.87 27.41 37.62
C ASN F 3 -2.62 26.10 38.32
N PHE F 4 -1.51 25.38 37.95
CA PHE F 4 -1.15 24.06 38.50
C PHE F 4 0.22 24.00 39.14
N LYS F 5 0.35 23.14 40.15
CA LYS F 5 1.60 22.80 40.84
C LYS F 5 2.04 21.49 40.17
N VAL F 6 3.26 21.49 39.63
CA VAL F 6 3.79 20.33 38.90
C VAL F 6 4.81 19.58 39.70
N ASP F 7 4.66 18.23 39.77
CA ASP F 7 5.59 17.33 40.46
C ASP F 7 6.20 16.33 39.50
N PHE F 8 7.39 15.85 39.84
CA PHE F 8 8.16 15.02 38.93
C PHE F 8 8.50 13.67 39.45
N LEU F 9 8.51 12.67 38.58
CA LEU F 9 8.84 11.30 38.95
C LEU F 9 10.34 11.18 39.11
N THR F 10 11.11 11.86 38.24
CA THR F 10 12.59 11.87 38.29
C THR F 10 13.10 13.27 37.99
N LYS F 11 14.42 13.51 38.23
CA LYS F 11 15.12 14.77 37.93
C LYS F 11 15.08 15.00 36.40
N ASN F 12 15.21 13.88 35.62
CA ASN F 12 15.18 13.90 34.16
C ASN F 12 13.84 14.43 33.63
N CYS F 13 12.73 14.09 34.29
CA CYS F 13 11.42 14.58 33.88
C CYS F 13 11.32 16.11 34.06
N LYS F 14 12.00 16.67 35.10
CA LYS F 14 12.08 18.12 35.36
C LYS F 14 12.86 18.78 34.23
N GLN F 15 13.96 18.12 33.78
CA GLN F 15 14.79 18.58 32.65
C GLN F 15 13.95 18.63 31.38
N ILE F 16 13.15 17.56 31.12
CA ILE F 16 12.26 17.45 29.96
C ILE F 16 11.20 18.53 30.02
N TYR F 17 10.60 18.72 31.22
CA TYR F 17 9.57 19.73 31.50
C TYR F 17 10.07 21.12 31.16
N GLN F 18 11.29 21.48 31.65
CA GLN F 18 11.97 22.75 31.43
C GLN F 18 11.97 23.12 29.96
N ARG F 19 12.32 22.16 29.07
CA ARG F 19 12.38 22.31 27.61
C ARG F 19 11.03 22.64 26.95
N LYS F 20 9.88 22.22 27.57
CA LYS F 20 8.47 22.46 27.15
C LYS F 20 8.14 22.07 25.67
N LYS F 21 8.82 21.01 25.15
CA LYS F 21 8.61 20.58 23.77
C LYS F 21 7.22 19.99 23.53
N HIS F 22 6.79 19.01 24.36
CA HIS F 22 5.51 18.32 24.23
C HIS F 22 5.05 17.66 25.56
N VAL F 23 3.72 17.59 25.78
CA VAL F 23 3.06 16.93 26.91
C VAL F 23 1.85 16.10 26.43
N ILE F 24 1.67 14.92 26.99
CA ILE F 24 0.52 14.05 26.73
C ILE F 24 -0.40 14.23 27.94
N LEU F 25 -1.63 14.70 27.71
CA LEU F 25 -2.58 14.84 28.81
C LEU F 25 -3.35 13.54 28.90
N GLY F 26 -3.14 12.77 29.96
CA GLY F 26 -3.87 11.53 30.21
C GLY F 26 -5.25 11.89 30.75
N ILE F 27 -6.33 11.33 30.13
CA ILE F 27 -7.71 11.58 30.56
C ILE F 27 -8.41 10.24 30.84
N SER F 28 -8.79 10.08 32.13
CA SER F 28 -9.39 8.87 32.66
C SER F 28 -10.91 8.76 32.46
N PRO F 29 -11.42 7.56 32.06
CA PRO F 29 -12.87 7.38 31.92
C PRO F 29 -13.56 7.09 33.26
N PHE F 30 -14.83 7.50 33.35
CA PHE F 30 -15.74 7.28 34.49
C PHE F 30 -15.22 7.83 35.82
N THR F 31 -14.22 8.73 35.77
CA THR F 31 -13.67 9.37 36.97
C THR F 31 -14.29 10.74 37.17
N SER F 32 -14.46 11.09 38.44
CA SER F 32 -15.04 12.34 38.89
C SER F 32 -14.16 13.53 38.54
N LYS F 33 -12.82 13.39 38.60
CA LYS F 33 -11.89 14.49 38.29
C LYS F 33 -11.96 14.97 36.86
N TYR F 34 -11.90 14.03 35.89
CA TYR F 34 -11.90 14.33 34.46
C TYR F 34 -13.29 14.72 33.97
N ASN F 35 -13.73 15.88 34.47
CA ASN F 35 -14.98 16.54 34.16
C ASN F 35 -14.68 17.71 33.25
N GLU F 36 -15.72 18.15 32.53
CA GLU F 36 -15.68 19.24 31.57
C GLU F 36 -14.87 20.44 32.09
N SER F 37 -15.02 20.80 33.37
CA SER F 37 -14.29 21.93 33.95
C SER F 37 -12.80 21.65 34.02
N TYR F 38 -12.41 20.48 34.57
CA TYR F 38 -11.01 20.07 34.70
C TYR F 38 -10.34 19.93 33.35
N ILE F 39 -10.97 19.15 32.47
CA ILE F 39 -10.43 18.88 31.15
C ILE F 39 -10.04 20.19 30.40
N ARG F 40 -10.87 21.26 30.52
CA ARG F 40 -10.60 22.56 29.91
C ARG F 40 -9.35 23.24 30.54
N LYS F 41 -9.26 23.22 31.89
CA LYS F 41 -8.18 23.74 32.74
C LYS F 41 -6.84 23.11 32.36
N ILE F 42 -6.83 21.79 32.07
CA ILE F 42 -5.59 21.09 31.68
C ILE F 42 -5.26 21.36 30.19
N ILE F 43 -6.25 21.37 29.27
CA ILE F 43 -5.98 21.68 27.86
C ILE F 43 -5.38 23.11 27.75
N GLN F 44 -6.06 24.14 28.33
CA GLN F 44 -5.59 25.52 28.30
C GLN F 44 -4.19 25.65 28.86
N TRP F 45 -3.86 24.82 29.90
CA TRP F 45 -2.54 24.73 30.57
C TRP F 45 -1.51 24.16 29.63
N ALA F 46 -1.80 23.02 29.01
CA ALA F 46 -0.88 22.38 28.05
C ALA F 46 -0.58 23.37 26.91
N ASN F 47 -1.63 24.00 26.35
CA ASN F 47 -1.58 24.95 25.25
C ASN F 47 -0.72 26.17 25.53
N SER F 48 -0.88 26.76 26.72
CA SER F 48 -0.17 27.95 27.16
C SER F 48 1.29 27.74 27.46
N ASN F 49 1.64 26.59 28.05
CA ASN F 49 3.00 26.30 28.49
C ASN F 49 3.89 25.55 27.51
N PHE F 50 3.32 24.71 26.64
CA PHE F 50 4.09 23.85 25.74
C PHE F 50 4.03 24.22 24.27
N ASP F 51 5.06 23.73 23.51
CA ASP F 51 5.16 23.94 22.07
C ASP F 51 4.02 23.20 21.39
N ASP F 52 3.80 21.94 21.79
CA ASP F 52 2.69 21.13 21.33
C ASP F 52 2.23 20.21 22.46
N PHE F 53 1.06 19.59 22.30
CA PHE F 53 0.48 18.65 23.24
C PHE F 53 -0.42 17.65 22.49
N SER F 54 -0.77 16.57 23.17
CA SER F 54 -1.62 15.49 22.70
C SER F 54 -2.48 15.05 23.88
N ILE F 55 -3.59 14.35 23.61
CA ILE F 55 -4.46 13.82 24.64
C ILE F 55 -4.56 12.30 24.49
N LEU F 56 -4.43 11.56 25.57
CA LEU F 56 -4.54 10.12 25.53
C LEU F 56 -5.76 9.75 26.35
N LEU F 57 -6.72 9.16 25.68
CA LEU F 57 -8.01 8.70 26.19
C LEU F 57 -7.96 7.19 26.35
N ALA F 58 -8.85 6.62 27.18
CA ALA F 58 -8.87 5.18 27.45
C ALA F 58 -9.05 4.31 26.17
N GLY F 59 -8.34 3.20 26.08
CA GLY F 59 -8.43 2.26 24.97
C GLY F 59 -9.64 1.34 25.06
N GLU F 60 -9.78 0.45 24.07
CA GLU F 60 -10.89 -0.51 24.02
C GLU F 60 -10.95 -1.43 25.26
N GLU F 61 -9.75 -1.82 25.78
CA GLU F 61 -9.56 -2.70 26.93
C GLU F 61 -10.15 -2.14 28.23
N SER F 62 -10.86 -1.00 28.17
CA SER F 62 -11.51 -0.36 29.32
C SER F 62 -12.85 -1.04 29.60
N LYS F 63 -13.32 -1.86 28.64
CA LYS F 63 -14.55 -2.65 28.79
C LYS F 63 -14.30 -3.73 29.87
N ASN F 64 -13.06 -4.29 29.91
CA ASN F 64 -12.62 -5.29 30.86
C ASN F 64 -12.88 -4.82 32.28
N LEU F 65 -12.60 -3.55 32.57
CA LEU F 65 -12.80 -2.93 33.88
C LEU F 65 -14.28 -2.91 34.25
N LEU F 66 -15.18 -2.60 33.28
CA LEU F 66 -16.61 -2.57 33.50
C LEU F 66 -17.16 -4.00 33.69
N GLU F 67 -16.61 -4.98 32.95
CA GLU F 67 -16.96 -6.39 33.05
C GLU F 67 -16.69 -6.94 34.46
N CYS F 68 -15.58 -6.48 35.08
CA CYS F 68 -15.19 -6.83 36.45
C CYS F 68 -16.10 -6.12 37.47
N LEU F 69 -16.74 -5.01 37.06
CA LEU F 69 -17.67 -4.29 37.91
C LEU F 69 -19.12 -4.79 37.63
N GLY F 70 -19.21 -5.98 37.03
CA GLY F 70 -20.47 -6.64 36.70
C GLY F 70 -21.27 -5.98 35.60
N TYR F 71 -20.73 -5.98 34.37
CA TYR F 71 -21.36 -5.43 33.16
C TYR F 71 -21.29 -6.45 32.05
N SER F 72 -22.35 -6.50 31.22
CA SER F 72 -22.42 -7.36 30.05
C SER F 72 -21.36 -6.88 29.05
N SER F 73 -20.72 -7.82 28.32
CA SER F 73 -19.70 -7.47 27.32
C SER F 73 -20.19 -6.39 26.35
N SER F 74 -21.50 -6.41 26.00
CA SER F 74 -22.12 -5.42 25.13
C SER F 74 -22.35 -4.11 25.87
N LYS F 75 -22.87 -4.18 27.15
CA LYS F 75 -23.16 -3.04 28.04
C LYS F 75 -21.89 -2.22 28.33
N ALA F 76 -20.74 -2.92 28.48
CA ALA F 76 -19.41 -2.38 28.72
C ALA F 76 -18.88 -1.62 27.49
N ASN F 77 -18.95 -2.23 26.30
CA ASN F 77 -18.51 -1.60 25.05
C ASN F 77 -19.37 -0.38 24.70
N GLN F 78 -20.65 -0.38 25.10
CA GLN F 78 -21.56 0.75 24.90
C GLN F 78 -21.21 1.91 25.84
N LYS F 79 -20.99 1.63 27.15
CA LYS F 79 -20.61 2.65 28.16
C LYS F 79 -19.27 3.30 27.85
N VAL F 80 -18.30 2.50 27.35
CA VAL F 80 -16.95 2.92 26.94
C VAL F 80 -17.06 3.90 25.76
N ARG F 81 -17.79 3.50 24.71
CA ARG F 81 -18.01 4.31 23.52
C ARG F 81 -18.65 5.64 23.85
N LYS F 82 -19.70 5.61 24.68
CA LYS F 82 -20.46 6.77 25.08
C LYS F 82 -19.60 7.79 25.82
N GLU F 83 -18.74 7.31 26.75
CA GLU F 83 -17.82 8.12 27.53
C GLU F 83 -16.74 8.72 26.62
N ILE F 84 -16.05 7.86 25.84
CA ILE F 84 -15.00 8.28 24.94
C ILE F 84 -15.51 9.40 24.02
N LYS F 85 -16.65 9.20 23.34
CA LYS F 85 -17.26 10.20 22.45
C LYS F 85 -17.53 11.52 23.15
N ARG F 86 -18.00 11.47 24.41
CA ARG F 86 -18.27 12.63 25.27
C ARG F 86 -16.94 13.39 25.52
N GLN F 87 -15.87 12.63 25.87
CA GLN F 87 -14.54 13.15 26.14
C GLN F 87 -14.01 13.82 24.89
N ILE F 88 -14.09 13.13 23.73
CA ILE F 88 -13.64 13.63 22.42
C ILE F 88 -14.32 14.97 22.09
N ARG F 89 -15.65 15.04 22.24
CA ARG F 89 -16.40 16.26 21.95
C ARG F 89 -15.95 17.45 22.81
N PHE F 90 -15.70 17.25 24.13
CA PHE F 90 -15.19 18.33 25.01
C PHE F 90 -13.79 18.78 24.60
N CYS F 91 -12.89 17.79 24.35
CA CYS F 91 -11.51 18.01 23.94
C CYS F 91 -11.41 18.76 22.64
N GLU F 92 -12.17 18.33 21.62
CA GLU F 92 -12.18 18.98 20.32
C GLU F 92 -12.59 20.42 20.41
N ASP F 93 -13.58 20.71 21.27
CA ASP F 93 -14.08 22.06 21.48
C ASP F 93 -13.03 22.99 22.06
N GLU F 94 -12.24 22.49 23.04
CA GLU F 94 -11.20 23.27 23.67
C GLU F 94 -10.01 23.49 22.78
N ILE F 95 -9.67 22.48 21.95
CA ILE F 95 -8.57 22.58 21.00
C ILE F 95 -8.89 23.68 19.98
N ILE F 96 -10.15 23.78 19.52
CA ILE F 96 -10.56 24.87 18.60
C ILE F 96 -10.40 26.24 19.25
N LYS F 97 -10.84 26.36 20.50
CA LYS F 97 -10.72 27.60 21.27
C LYS F 97 -9.25 28.02 21.38
N CYS F 98 -8.31 27.05 21.25
CA CYS F 98 -6.87 27.28 21.32
C CYS F 98 -6.28 27.61 19.96
N ASN F 99 -7.10 27.63 18.91
CA ASN F 99 -6.70 27.86 17.52
C ASN F 99 -5.65 26.82 17.07
N LYS F 100 -5.91 25.57 17.43
CA LYS F 100 -5.07 24.44 17.11
C LYS F 100 -5.95 23.40 16.36
N THR F 101 -5.33 22.61 15.48
CA THR F 101 -6.06 21.58 14.73
C THR F 101 -6.25 20.35 15.62
N ILE F 102 -7.36 19.64 15.42
CA ILE F 102 -7.68 18.44 16.18
C ILE F 102 -6.97 17.24 15.62
N THR F 103 -6.74 17.23 14.30
CA THR F 103 -6.14 16.12 13.56
C THR F 103 -4.79 15.73 14.15
N ASN F 104 -4.77 14.49 14.64
CA ASN F 104 -3.69 13.72 15.26
C ASN F 104 -3.33 14.20 16.66
N ARG F 105 -4.20 15.03 17.27
CA ARG F 105 -4.02 15.54 18.61
C ARG F 105 -4.58 14.57 19.68
N ILE F 106 -5.77 13.98 19.46
CA ILE F 106 -6.42 13.06 20.43
C ILE F 106 -6.23 11.61 20.02
N HIS F 107 -5.85 10.76 20.97
CA HIS F 107 -5.61 9.33 20.73
C HIS F 107 -6.21 8.47 21.84
N ARG F 108 -6.38 7.18 21.59
CA ARG F 108 -6.81 6.17 22.56
C ARG F 108 -5.65 5.18 22.61
N PHE F 109 -5.34 4.59 23.77
CA PHE F 109 -4.20 3.67 23.75
C PHE F 109 -4.38 2.47 22.75
N SER F 110 -5.62 2.05 22.48
CA SER F 110 -5.95 0.98 21.54
C SER F 110 -5.73 1.37 20.06
N ASP F 111 -5.68 2.68 19.74
CA ASP F 111 -5.50 3.20 18.35
C ASP F 111 -4.24 2.69 17.62
N PHE F 112 -3.23 2.25 18.35
CA PHE F 112 -1.97 1.85 17.75
C PHE F 112 -1.73 0.33 17.77
N LYS F 113 -2.82 -0.46 17.89
CA LYS F 113 -2.84 -1.92 17.85
C LYS F 113 -2.02 -2.47 16.68
N ASN F 114 -2.11 -1.83 15.48
CA ASN F 114 -1.36 -2.30 14.32
C ASN F 114 -0.09 -1.45 13.99
N ASN F 115 0.41 -0.69 15.00
CA ASN F 115 1.62 0.12 14.88
C ASN F 115 2.83 -0.74 15.30
N ILE F 116 3.81 -0.87 14.41
CA ILE F 116 5.00 -1.68 14.66
C ILE F 116 5.69 -1.30 15.98
N TYR F 117 5.81 0.01 16.29
CA TYR F 117 6.44 0.49 17.53
C TYR F 117 5.65 0.18 18.80
N TYR F 118 4.32 0.24 18.73
CA TYR F 118 3.47 -0.11 19.86
C TYR F 118 3.50 -1.65 20.05
N ILE F 119 3.43 -2.40 18.93
CA ILE F 119 3.51 -3.88 18.88
C ILE F 119 4.77 -4.39 19.59
N ASP F 120 5.93 -3.76 19.30
CA ASP F 120 7.22 -4.08 19.89
C ASP F 120 7.24 -3.84 21.41
N ILE F 121 6.89 -2.61 21.84
CA ILE F 121 6.83 -2.21 23.26
C ILE F 121 5.84 -3.10 24.04
N TYR F 122 4.59 -3.26 23.53
CA TYR F 122 3.58 -4.11 24.15
C TYR F 122 4.08 -5.53 24.36
N LYS F 123 4.76 -6.14 23.34
CA LYS F 123 5.34 -7.50 23.42
C LYS F 123 6.34 -7.58 24.57
N THR F 124 7.39 -6.70 24.56
CA THR F 124 8.42 -6.66 25.60
C THR F 124 7.81 -6.47 27.00
N ILE F 125 6.67 -5.71 27.10
CA ILE F 125 5.92 -5.50 28.35
C ILE F 125 5.24 -6.84 28.74
N VAL F 126 4.43 -7.40 27.81
CA VAL F 126 3.66 -8.64 27.96
C VAL F 126 4.58 -9.85 28.27
N ASP F 127 5.86 -9.84 27.82
CA ASP F 127 6.84 -10.88 28.12
C ASP F 127 7.20 -10.81 29.62
N GLN F 128 7.55 -9.60 30.12
CA GLN F 128 7.86 -9.35 31.52
C GLN F 128 6.69 -9.70 32.46
N PHE F 129 5.47 -9.31 32.11
CA PHE F 129 4.29 -9.60 32.91
C PHE F 129 4.14 -11.13 33.14
N ASN F 130 4.41 -11.94 32.07
CA ASN F 130 4.31 -13.41 32.12
C ASN F 130 5.52 -14.07 32.81
N THR F 131 6.74 -13.56 32.54
CA THR F 131 7.97 -14.09 33.14
C THR F 131 8.13 -13.59 34.61
N ASP F 132 8.44 -12.28 34.82
CA ASP F 132 8.63 -11.59 36.13
C ASP F 132 7.28 -11.51 36.91
N SER F 133 7.22 -12.15 38.08
CA SER F 133 5.98 -12.10 38.85
C SER F 133 5.91 -10.88 39.80
N ASN F 134 7.07 -10.21 40.09
CA ASN F 134 7.09 -8.98 40.90
C ASN F 134 6.32 -7.90 40.12
N PHE F 135 6.61 -7.78 38.81
CA PHE F 135 5.93 -6.89 37.89
C PHE F 135 4.44 -7.29 37.81
N LYS F 136 4.13 -8.58 37.58
CA LYS F 136 2.75 -9.06 37.55
C LYS F 136 1.94 -8.61 38.78
N ASN F 137 2.56 -8.70 39.98
CA ASN F 137 1.96 -8.24 41.25
C ASN F 137 1.69 -6.73 41.19
N SER F 138 2.74 -5.93 40.82
CA SER F 138 2.69 -4.48 40.66
C SER F 138 1.56 -4.09 39.71
N CYS F 139 1.31 -4.93 38.68
CA CYS F 139 0.26 -4.77 37.68
C CYS F 139 -1.13 -4.98 38.24
N LEU F 140 -1.36 -6.08 38.98
CA LEU F 140 -2.64 -6.39 39.61
C LEU F 140 -3.01 -5.30 40.64
N LYS F 141 -2.00 -4.69 41.34
CA LYS F 141 -2.19 -3.61 42.31
C LYS F 141 -2.83 -2.40 41.60
N MET F 142 -2.27 -2.04 40.40
CA MET F 142 -2.77 -0.93 39.55
C MET F 142 -4.18 -1.25 39.04
N SER F 143 -4.41 -2.53 38.64
CA SER F 143 -5.70 -3.04 38.17
C SER F 143 -6.75 -2.86 39.29
N LEU F 144 -6.36 -3.18 40.54
CA LEU F 144 -7.20 -3.06 41.72
C LEU F 144 -7.57 -1.60 41.96
N GLN F 145 -6.60 -0.68 41.81
CA GLN F 145 -6.85 0.76 41.99
C GLN F 145 -7.75 1.33 40.91
N ALA F 146 -7.60 0.81 39.69
CA ALA F 146 -8.40 1.20 38.53
C ALA F 146 -9.87 0.85 38.74
N LEU F 147 -10.13 -0.34 39.32
CA LEU F 147 -11.46 -0.82 39.63
C LEU F 147 -12.11 0.03 40.72
N GLN F 148 -11.27 0.65 41.59
CA GLN F 148 -11.68 1.53 42.70
C GLN F 148 -12.54 2.69 42.23
N SER F 149 -12.16 3.34 41.10
CA SER F 149 -12.86 4.49 40.51
C SER F 149 -14.23 4.14 39.86
N LYS F 150 -15.20 3.65 40.72
CA LYS F 150 -16.57 3.21 40.37
C LYS F 150 -17.70 4.11 40.91
N GLY F 151 -17.66 4.40 42.22
CA GLY F 151 -18.64 5.19 42.94
C GLY F 151 -19.05 6.50 42.29
N ILE F 160 -14.24 -8.75 44.07
CA ILE F 160 -12.88 -8.76 43.54
C ILE F 160 -12.06 -9.96 44.08
N THR F 161 -11.39 -10.70 43.17
CA THR F 161 -10.59 -11.90 43.46
C THR F 161 -9.13 -11.65 43.03
N ASP F 162 -8.51 -12.63 42.30
CA ASP F 162 -7.14 -12.57 41.76
C ASP F 162 -7.13 -12.77 40.23
N GLU F 163 -8.15 -13.49 39.67
CA GLU F 163 -8.32 -13.67 38.23
C GLU F 163 -9.03 -12.43 37.69
N THR F 164 -9.85 -11.75 38.57
CA THR F 164 -10.55 -10.49 38.28
C THR F 164 -9.51 -9.46 37.87
N LEU F 165 -8.39 -9.38 38.64
CA LEU F 165 -7.29 -8.45 38.41
C LEU F 165 -6.41 -8.85 37.22
N GLU F 166 -6.33 -10.16 36.85
CA GLU F 166 -5.57 -10.60 35.67
C GLU F 166 -6.29 -10.15 34.39
N TYR F 167 -7.65 -10.07 34.46
CA TYR F 167 -8.50 -9.61 33.35
C TYR F 167 -8.40 -8.09 33.25
N ALA F 168 -8.55 -7.39 34.40
CA ALA F 168 -8.45 -5.93 34.50
C ALA F 168 -7.01 -5.41 34.16
N ALA F 169 -5.98 -6.28 34.29
CA ALA F 169 -4.58 -5.95 33.97
C ALA F 169 -4.34 -5.73 32.49
N GLN F 170 -5.23 -6.29 31.62
CA GLN F 170 -5.17 -6.16 30.15
C GLN F 170 -5.15 -4.67 29.74
N TYR F 171 -5.90 -3.83 30.49
CA TYR F 171 -6.02 -2.37 30.37
C TYR F 171 -4.67 -1.74 30.70
N VAL F 172 -4.13 -2.05 31.91
CA VAL F 172 -2.83 -1.57 32.42
C VAL F 172 -1.75 -1.84 31.37
N LEU F 173 -1.65 -3.11 30.91
CA LEU F 173 -0.67 -3.56 29.93
C LEU F 173 -0.73 -2.78 28.63
N ALA F 174 -1.96 -2.49 28.16
CA ALA F 174 -2.24 -1.77 26.92
C ALA F 174 -1.90 -0.29 26.98
N GLU F 175 -2.09 0.38 28.14
CA GLU F 175 -1.78 1.81 28.28
C GLU F 175 -0.30 2.07 28.55
N LEU F 176 0.37 1.09 29.22
CA LEU F 176 1.77 1.14 29.62
C LEU F 176 2.77 1.57 28.53
N PRO F 177 2.67 1.12 27.25
CA PRO F 177 3.61 1.63 26.23
C PRO F 177 3.77 3.15 26.18
N PHE F 178 2.64 3.90 26.28
CA PHE F 178 2.59 5.37 26.28
C PHE F 178 3.23 6.02 27.52
N PHE F 179 3.45 5.23 28.59
CA PHE F 179 4.08 5.68 29.83
C PHE F 179 5.58 5.44 29.78
N LEU F 180 6.02 4.39 29.03
CA LEU F 180 7.42 4.03 28.90
C LEU F 180 8.12 4.77 27.75
N ASN F 181 7.57 4.67 26.52
CA ASN F 181 8.14 5.33 25.34
C ASN F 181 7.09 5.62 24.28
N ALA F 182 6.33 6.70 24.48
CA ALA F 182 5.28 7.15 23.57
C ALA F 182 5.86 7.74 22.28
N ASN F 183 7.06 8.33 22.36
CA ASN F 183 7.78 9.01 21.27
C ASN F 183 7.74 8.32 19.88
N PRO F 184 8.10 7.03 19.67
CA PRO F 184 8.04 6.48 18.31
C PRO F 184 6.63 6.12 17.84
N ILE F 185 5.65 6.04 18.77
CA ILE F 185 4.26 5.69 18.49
C ILE F 185 3.52 6.94 17.99
N ILE F 186 3.46 7.98 18.80
CA ILE F 186 2.78 9.26 18.49
C ILE F 186 3.68 10.20 17.68
N ASN F 187 4.93 9.77 17.42
CA ASN F 187 5.95 10.48 16.65
C ASN F 187 6.36 11.85 17.27
N THR F 188 6.98 11.80 18.46
CA THR F 188 7.52 12.96 19.16
C THR F 188 9.03 12.75 19.41
N GLN F 189 9.76 13.88 19.60
CA GLN F 189 11.19 13.90 19.88
C GLN F 189 11.35 13.49 21.36
N GLU F 190 10.62 14.19 22.25
CA GLU F 190 10.54 13.96 23.68
C GLU F 190 9.15 14.35 24.19
N THR F 191 8.64 13.66 25.23
CA THR F 191 7.30 13.91 25.76
C THR F 191 7.17 13.59 27.22
N LEU F 192 6.13 14.14 27.85
CA LEU F 192 5.81 13.88 29.26
C LEU F 192 4.39 13.44 29.38
N MET F 193 4.12 12.36 30.14
CA MET F 193 2.75 11.91 30.44
C MET F 193 2.31 12.69 31.69
N ALA F 194 1.31 13.58 31.54
CA ALA F 194 0.79 14.40 32.63
C ALA F 194 -0.50 13.83 33.19
N TYR F 195 -0.51 13.57 34.50
CA TYR F 195 -1.67 13.04 35.21
C TYR F 195 -1.86 13.78 36.57
N HIS F 196 -2.99 13.58 37.26
CA HIS F 196 -3.29 14.27 38.52
C HIS F 196 -2.78 13.58 39.78
N ALA F 197 -2.42 12.31 39.68
CA ALA F 197 -2.01 11.51 40.82
C ALA F 197 -0.66 10.84 40.58
N PRO F 198 0.08 10.36 41.63
CA PRO F 198 1.34 9.66 41.37
C PRO F 198 1.12 8.31 40.68
N TRP F 199 2.20 7.65 40.26
CA TRP F 199 2.14 6.37 39.56
C TRP F 199 3.11 5.41 40.22
N GLU F 200 2.57 4.53 41.11
CA GLU F 200 3.35 3.56 41.90
C GLU F 200 4.20 2.61 41.07
N LEU F 201 3.66 2.10 39.95
CA LEU F 201 4.38 1.19 39.05
C LEU F 201 5.62 1.90 38.50
N GLY F 202 5.44 3.15 38.10
CA GLY F 202 6.49 3.99 37.54
C GLY F 202 7.58 4.30 38.52
N THR F 203 7.23 4.39 39.82
CA THR F 203 8.22 4.65 40.89
C THR F 203 9.18 3.45 40.88
N ASN F 204 8.61 2.24 40.83
CA ASN F 204 9.33 0.98 40.80
C ASN F 204 10.12 0.77 39.51
N ILE F 205 9.58 1.24 38.36
CA ILE F 205 10.26 1.16 37.05
C ILE F 205 11.56 1.98 37.14
N ILE F 206 11.44 3.20 37.68
CA ILE F 206 12.46 4.22 37.89
C ILE F 206 13.50 3.79 38.94
N ASN F 207 13.13 2.91 39.90
CA ASN F 207 14.06 2.39 40.91
C ASN F 207 14.63 1.03 40.43
N ASP F 208 14.69 0.85 39.08
CA ASP F 208 15.20 -0.31 38.32
C ASP F 208 14.80 -1.64 38.94
N GLN F 209 13.51 -1.78 39.31
CA GLN F 209 13.02 -2.98 39.95
C GLN F 209 12.56 -4.02 38.95
N PHE F 210 12.47 -3.65 37.66
CA PHE F 210 12.06 -4.57 36.60
C PHE F 210 12.99 -4.50 35.37
N ASN F 211 12.75 -5.42 34.39
CA ASN F 211 13.51 -5.53 33.13
C ASN F 211 12.96 -4.60 32.05
N LEU F 212 12.22 -3.55 32.48
CA LEU F 212 11.61 -2.51 31.64
C LEU F 212 12.19 -1.16 32.07
N LYS F 213 12.31 -0.27 31.11
CA LYS F 213 12.83 1.07 31.38
C LYS F 213 12.01 2.15 30.70
N MET F 214 11.75 3.23 31.41
CA MET F 214 11.09 4.37 30.82
C MET F 214 12.19 5.13 30.03
N ASN F 215 11.98 5.28 28.71
CA ASN F 215 12.93 5.94 27.81
C ASN F 215 13.39 7.28 28.31
N GLU F 216 14.68 7.59 28.09
CA GLU F 216 15.37 8.84 28.47
C GLU F 216 14.64 10.09 27.99
N LYS F 217 13.92 9.98 26.84
CA LYS F 217 13.16 11.04 26.18
C LYS F 217 11.64 11.01 26.56
N GLN F 218 11.31 10.25 27.62
CA GLN F 218 9.95 10.09 28.17
C GLN F 218 10.04 10.41 29.67
N GLY F 219 9.03 11.12 30.19
CA GLY F 219 8.91 11.49 31.61
C GLY F 219 7.49 11.48 32.13
N TYR F 220 7.30 11.59 33.45
CA TYR F 220 5.97 11.57 34.06
C TYR F 220 5.82 12.73 35.04
N ILE F 221 4.80 13.60 34.84
CA ILE F 221 4.54 14.74 35.74
C ILE F 221 3.16 14.64 36.45
N ILE F 222 3.07 15.17 37.68
CA ILE F 222 1.82 15.18 38.48
C ILE F 222 1.28 16.60 38.62
N LEU F 223 0.07 16.84 38.10
CA LEU F 223 -0.61 18.15 38.14
C LEU F 223 -1.60 18.32 39.30
N THR F 224 -1.35 19.29 40.18
CA THR F 224 -2.26 19.59 41.28
C THR F 224 -2.73 21.06 41.21
N GLU F 225 -4.05 21.28 41.13
CA GLU F 225 -4.67 22.62 41.01
C GLU F 225 -4.22 23.55 42.15
N LYS F 226 -3.71 24.74 41.76
CA LYS F 226 -3.19 25.79 42.65
C LYS F 226 -4.31 26.75 43.03
#